data_8ZLS
#
_entry.id   8ZLS
#
_cell.length_a   53.244
_cell.length_b   125.002
_cell.length_c   85.229
_cell.angle_alpha   90.000
_cell.angle_beta   95.848
_cell.angle_gamma   90.000
#
_symmetry.space_group_name_H-M   'P 1 21 1'
#
loop_
_entity.id
_entity.type
_entity.pdbx_description
1 polymer MaDS1
2 non-polymer 'FLAVIN-ADENINE DINUCLEOTIDE'
3 water water
#
_entity_poly.entity_id   1
_entity_poly.type   'polypeptide(L)'
_entity_poly.pdbx_seq_one_letter_code
;GSYNNHEHFLQCLTTRISESNSTSPVIYTHDDPSYFTVLNSSINNQRFSSPSAPKPFVIITPFHASHVQATVFCSKKHGM
QIRTRSGGHDYEGLSYVSSVSFVIIDLRNLNLINVDVESKSAWVQAGATIGELYYRIAEKSENLAFPAGDCPGVGIGGQI
GGGGYGYLARKYGLAADNVLDAEVIDVKGRILDRKSMGEDLFWAIRGGGPASFGIVLSWKLQLVPVPSIVTVFDVSRHME
DDTTKKFVHQWQRRADKVDEDLSIYGRFQTESSVDNEGNKKIVVRASFRATFHGGVDRLLQLMQKEFPELGLLRQECHEM
KWAETFLFHNNFRNGESLDVLLNRTSALKSSFKAKSDFVKKPISDDIFEEMLGKLYEKVGNAFIDLFPLGGKMNEISESA
TPFPYRAGNLYNIHYLVGWEEDGNITTSKKHVNWIRKLYNYMTPYVSKNPRATYLNFRDLDIGTNNKDDTTSSYNNIARA
SIWGTKYFKDNFYKLVYVKTIVDPTNFFRNEQSIPPLRRN
;
_entity_poly.pdbx_strand_id   A,B
#
loop_
_chem_comp.id
_chem_comp.type
_chem_comp.name
_chem_comp.formula
FAD non-polymer 'FLAVIN-ADENINE DINUCLEOTIDE' 'C27 H33 N9 O15 P2'
#
# COMPACT_ATOMS: atom_id res chain seq x y z
N HIS A 6 -30.45 11.04 -31.73
CA HIS A 6 -31.01 10.24 -30.64
C HIS A 6 -31.92 9.11 -31.12
N GLU A 7 -32.65 9.37 -32.21
CA GLU A 7 -33.62 8.38 -32.69
C GLU A 7 -32.93 7.08 -33.06
N HIS A 8 -31.75 7.15 -33.68
CA HIS A 8 -30.99 5.94 -33.98
C HIS A 8 -30.70 5.16 -32.71
N PHE A 9 -30.37 5.86 -31.63
CA PHE A 9 -30.07 5.18 -30.37
C PHE A 9 -31.28 4.40 -29.89
N LEU A 10 -32.47 4.98 -29.99
CA LEU A 10 -33.67 4.27 -29.59
C LEU A 10 -33.91 3.03 -30.46
N GLN A 11 -33.78 3.17 -31.78
CA GLN A 11 -33.94 2.01 -32.65
C GLN A 11 -32.94 0.93 -32.30
N CYS A 12 -31.68 1.32 -32.03
CA CYS A 12 -30.67 0.36 -31.56
C CYS A 12 -31.16 -0.38 -30.32
N LEU A 13 -31.65 0.36 -29.32
CA LEU A 13 -32.13 -0.29 -28.10
C LEU A 13 -33.33 -1.19 -28.38
N THR A 14 -34.30 -0.69 -29.14
CA THR A 14 -35.50 -1.49 -29.40
C THR A 14 -35.16 -2.76 -30.18
N THR A 15 -34.18 -2.69 -31.07
CA THR A 15 -33.76 -3.89 -31.80
C THR A 15 -33.04 -4.88 -30.90
N ARG A 16 -32.23 -4.40 -29.94
CA ARG A 16 -31.44 -5.30 -29.11
C ARG A 16 -32.16 -5.75 -27.84
N ILE A 17 -33.19 -5.04 -27.39
CA ILE A 17 -33.91 -5.42 -26.18
C ILE A 17 -35.34 -5.78 -26.56
N SER A 18 -35.52 -6.99 -27.09
CA SER A 18 -36.82 -7.47 -27.54
C SER A 18 -37.73 -7.67 -26.33
N GLU A 19 -38.58 -6.68 -26.05
CA GLU A 19 -39.49 -6.73 -24.91
C GLU A 19 -40.84 -7.36 -25.31
N PRO A 25 -41.58 -4.23 -18.80
CA PRO A 25 -41.16 -2.87 -19.16
C PRO A 25 -39.69 -2.60 -18.80
N VAL A 26 -38.86 -2.42 -19.83
CA VAL A 26 -37.43 -2.23 -19.66
C VAL A 26 -37.00 -0.81 -19.98
N ILE A 27 -37.61 -0.19 -20.99
CA ILE A 27 -37.20 1.11 -21.53
C ILE A 27 -38.29 2.14 -21.23
N TYR A 28 -37.92 3.23 -20.56
CA TYR A 28 -38.85 4.31 -20.22
C TYR A 28 -38.39 5.60 -20.90
N THR A 29 -39.24 6.14 -21.78
CA THR A 29 -38.96 7.39 -22.47
C THR A 29 -39.72 8.54 -21.80
N HIS A 30 -39.37 9.76 -22.20
CA HIS A 30 -40.03 10.94 -21.64
C HIS A 30 -41.55 10.86 -21.78
N ASP A 31 -42.04 10.30 -22.88
CA ASP A 31 -43.49 10.21 -23.09
C ASP A 31 -44.14 9.15 -22.20
N ASP A 32 -43.39 8.11 -21.81
CA ASP A 32 -43.96 7.10 -20.94
C ASP A 32 -44.38 7.75 -19.62
N PRO A 33 -45.62 7.53 -19.15
CA PRO A 33 -46.08 8.24 -17.95
C PRO A 33 -45.40 7.79 -16.68
N SER A 34 -44.82 6.60 -16.65
CA SER A 34 -44.11 6.13 -15.48
C SER A 34 -42.67 6.65 -15.42
N TYR A 35 -42.22 7.37 -16.44
CA TYR A 35 -40.82 7.80 -16.49
C TYR A 35 -40.47 8.63 -15.27
N PHE A 36 -41.28 9.64 -14.98
CA PHE A 36 -40.97 10.54 -13.87
C PHE A 36 -41.09 9.84 -12.53
N THR A 37 -42.06 8.95 -12.38
CA THR A 37 -42.11 8.14 -11.15
C THR A 37 -40.85 7.30 -11.00
N VAL A 38 -40.39 6.68 -12.08
CA VAL A 38 -39.22 5.82 -12.00
C VAL A 38 -37.98 6.66 -11.79
N LEU A 39 -37.95 7.88 -12.34
CA LEU A 39 -36.82 8.77 -12.11
C LEU A 39 -36.78 9.25 -10.67
N ASN A 40 -37.90 9.76 -10.15
CA ASN A 40 -37.92 10.35 -8.82
C ASN A 40 -37.87 9.28 -7.73
N SER A 41 -38.15 8.03 -8.09
CA SER A 41 -38.30 6.94 -7.13
C SER A 41 -37.09 6.80 -6.21
N SER A 42 -35.88 6.95 -6.76
CA SER A 42 -34.65 6.78 -6.02
C SER A 42 -33.74 7.97 -6.20
N ILE A 43 -34.31 9.17 -6.30
CA ILE A 43 -33.54 10.39 -6.12
C ILE A 43 -33.62 10.73 -4.64
N ASN A 44 -32.50 10.60 -3.93
CA ASN A 44 -32.59 10.75 -2.49
C ASN A 44 -32.00 12.06 -1.97
N ASN A 45 -31.30 12.86 -2.78
CA ASN A 45 -31.03 14.26 -2.45
C ASN A 45 -31.89 15.13 -3.36
N GLN A 46 -32.90 15.77 -2.77
CA GLN A 46 -33.87 16.57 -3.52
C GLN A 46 -33.27 17.83 -4.14
N ARG A 47 -32.02 18.19 -3.80
CA ARG A 47 -31.32 19.24 -4.55
C ARG A 47 -31.34 19.01 -6.05
N PHE A 48 -31.44 17.75 -6.50
CA PHE A 48 -31.31 17.39 -7.91
C PHE A 48 -32.62 16.90 -8.50
N SER A 49 -33.75 17.18 -7.85
CA SER A 49 -35.06 16.77 -8.34
C SER A 49 -35.78 17.90 -9.06
N SER A 50 -35.27 19.13 -8.99
CA SER A 50 -35.81 20.27 -9.71
C SER A 50 -36.11 19.88 -11.16
N PRO A 51 -37.15 20.45 -11.75
CA PRO A 51 -37.36 20.24 -13.20
C PRO A 51 -36.23 20.82 -14.04
N SER A 52 -35.45 21.76 -13.52
CA SER A 52 -34.33 22.34 -14.25
C SER A 52 -33.07 21.49 -14.17
N ALA A 53 -33.02 20.50 -13.28
CA ALA A 53 -31.90 19.58 -13.26
C ALA A 53 -31.89 18.76 -14.56
N PRO A 54 -30.73 18.34 -15.02
CA PRO A 54 -30.66 17.57 -16.27
C PRO A 54 -31.40 16.25 -16.15
N LYS A 55 -32.00 15.84 -17.26
CA LYS A 55 -32.84 14.66 -17.25
C LYS A 55 -32.34 13.62 -18.23
N PRO A 56 -32.43 12.35 -17.89
CA PRO A 56 -31.98 11.29 -18.81
C PRO A 56 -32.83 11.24 -20.07
N PHE A 57 -32.18 10.97 -21.19
CA PHE A 57 -32.95 10.77 -22.41
C PHE A 57 -33.82 9.54 -22.31
N VAL A 58 -33.34 8.50 -21.61
CA VAL A 58 -34.14 7.31 -21.34
C VAL A 58 -33.65 6.70 -20.03
N ILE A 59 -34.49 5.84 -19.44
CA ILE A 59 -34.13 5.08 -18.25
C ILE A 59 -34.32 3.61 -18.56
N ILE A 60 -33.25 2.82 -18.37
CA ILE A 60 -33.26 1.37 -18.58
C ILE A 60 -33.35 0.70 -17.22
N THR A 61 -34.30 -0.21 -17.06
CA THR A 61 -34.45 -1.01 -15.85
C THR A 61 -34.26 -2.46 -16.22
N PRO A 62 -33.01 -2.93 -16.31
CA PRO A 62 -32.76 -4.30 -16.77
C PRO A 62 -33.28 -5.36 -15.81
N PHE A 63 -33.63 -6.52 -16.36
CA PHE A 63 -33.94 -7.73 -15.63
C PHE A 63 -32.90 -8.81 -15.86
N HIS A 64 -32.02 -8.63 -16.83
CA HIS A 64 -31.08 -9.62 -17.29
C HIS A 64 -29.80 -8.89 -17.62
N ALA A 65 -28.66 -9.58 -17.51
CA ALA A 65 -27.42 -8.94 -17.88
C ALA A 65 -27.39 -8.53 -19.35
N SER A 66 -28.18 -9.18 -20.21
CA SER A 66 -28.10 -8.82 -21.63
C SER A 66 -28.79 -7.50 -21.91
N HIS A 67 -29.72 -7.08 -21.03
CA HIS A 67 -30.24 -5.72 -21.12
C HIS A 67 -29.15 -4.69 -20.89
N VAL A 68 -28.24 -4.97 -19.96
CA VAL A 68 -27.12 -4.04 -19.74
C VAL A 68 -26.14 -4.11 -20.91
N GLN A 69 -25.83 -5.34 -21.36
CA GLN A 69 -24.91 -5.48 -22.48
C GLN A 69 -25.40 -4.71 -23.70
N ALA A 70 -26.71 -4.76 -23.96
CA ALA A 70 -27.26 -4.05 -25.10
C ALA A 70 -27.14 -2.55 -24.94
N THR A 71 -27.39 -2.05 -23.73
CA THR A 71 -27.30 -0.62 -23.47
C THR A 71 -25.88 -0.11 -23.65
N VAL A 72 -24.89 -0.86 -23.16
CA VAL A 72 -23.50 -0.45 -23.35
C VAL A 72 -23.15 -0.39 -24.82
N PHE A 73 -23.51 -1.43 -25.58
CA PHE A 73 -23.24 -1.44 -27.01
C PHE A 73 -23.87 -0.23 -27.70
N CYS A 74 -25.16 0.02 -27.46
CA CYS A 74 -25.84 1.12 -28.14
C CYS A 74 -25.33 2.47 -27.67
N SER A 75 -25.05 2.62 -26.37
CA SER A 75 -24.56 3.92 -25.88
C SER A 75 -23.20 4.23 -26.46
N LYS A 76 -22.33 3.23 -26.56
CA LYS A 76 -21.03 3.42 -27.21
C LYS A 76 -21.18 3.78 -28.68
N LYS A 77 -22.05 3.06 -29.40
CA LYS A 77 -22.21 3.28 -30.82
C LYS A 77 -22.76 4.67 -31.12
N HIS A 78 -23.61 5.21 -30.25
CA HIS A 78 -24.29 6.46 -30.53
C HIS A 78 -23.87 7.60 -29.61
N GLY A 79 -22.74 7.45 -28.90
CA GLY A 79 -22.25 8.52 -28.04
C GLY A 79 -23.16 8.98 -26.93
N MET A 80 -23.84 8.03 -26.27
CA MET A 80 -24.62 8.34 -25.07
C MET A 80 -23.78 8.04 -23.84
N GLN A 81 -23.94 8.84 -22.80
CA GLN A 81 -23.25 8.57 -21.54
C GLN A 81 -24.16 7.76 -20.64
N ILE A 82 -23.59 6.77 -19.98
CA ILE A 82 -24.34 5.94 -19.02
C ILE A 82 -24.08 6.46 -17.62
N ARG A 83 -25.15 6.57 -16.83
CA ARG A 83 -25.04 6.65 -15.38
C ARG A 83 -25.70 5.40 -14.79
N THR A 84 -24.95 4.68 -13.95
CA THR A 84 -25.48 3.51 -13.28
C THR A 84 -26.09 3.94 -11.96
N ARG A 85 -27.30 3.47 -11.68
CA ARG A 85 -27.94 3.79 -10.42
C ARG A 85 -28.36 2.51 -9.72
N SER A 86 -27.98 2.38 -8.46
CA SER A 86 -28.39 1.27 -7.63
C SER A 86 -29.37 1.75 -6.56
N GLY A 87 -28.92 2.47 -5.54
CA GLY A 87 -29.83 2.97 -4.53
C GLY A 87 -30.15 4.44 -4.70
N GLY A 88 -29.35 5.12 -5.51
CA GLY A 88 -29.55 6.54 -5.74
C GLY A 88 -29.21 7.43 -4.55
N HIS A 89 -28.33 6.98 -3.67
CA HIS A 89 -27.96 7.78 -2.51
C HIS A 89 -26.73 8.65 -2.72
N ASP A 90 -26.20 8.73 -3.94
CA ASP A 90 -24.99 9.51 -4.16
C ASP A 90 -25.22 10.94 -3.66
N TYR A 91 -24.30 11.40 -2.78
CA TYR A 91 -24.42 12.70 -2.14
C TYR A 91 -24.53 13.83 -3.16
N GLU A 92 -23.93 13.65 -4.33
CA GLU A 92 -23.94 14.65 -5.38
C GLU A 92 -24.82 14.24 -6.55
N GLY A 93 -25.60 13.17 -6.41
CA GLY A 93 -26.50 12.76 -7.47
C GLY A 93 -25.84 12.28 -8.75
N LEU A 94 -24.61 11.76 -8.66
CA LEU A 94 -23.89 11.37 -9.86
C LEU A 94 -24.50 10.16 -10.56
N SER A 95 -25.41 9.46 -9.93
CA SER A 95 -26.02 8.30 -10.57
C SER A 95 -27.25 8.64 -11.39
N TYR A 96 -27.63 9.92 -11.46
CA TYR A 96 -28.83 10.25 -12.22
C TYR A 96 -28.81 11.67 -12.78
N VAL A 97 -27.69 12.41 -12.69
CA VAL A 97 -27.52 13.68 -13.38
C VAL A 97 -26.24 13.63 -14.20
N SER A 98 -26.24 14.37 -15.31
CA SER A 98 -25.09 14.49 -16.18
C SER A 98 -25.17 15.85 -16.86
N SER A 99 -24.00 16.39 -17.22
CA SER A 99 -23.95 17.59 -18.04
C SER A 99 -24.02 17.29 -19.53
N VAL A 100 -23.98 16.02 -19.94
CA VAL A 100 -24.14 15.65 -21.34
C VAL A 100 -25.39 14.76 -21.47
N SER A 101 -25.79 14.53 -22.71
CA SER A 101 -26.92 13.65 -22.96
C SER A 101 -26.60 12.26 -22.38
N PHE A 102 -27.52 11.72 -21.59
CA PHE A 102 -27.20 10.48 -20.88
C PHE A 102 -28.43 9.61 -20.75
N VAL A 103 -28.19 8.34 -20.43
CA VAL A 103 -29.21 7.40 -20.00
C VAL A 103 -28.85 6.88 -18.61
N ILE A 104 -29.88 6.54 -17.84
CA ILE A 104 -29.70 5.89 -16.54
C ILE A 104 -29.95 4.40 -16.69
N ILE A 105 -28.97 3.59 -16.30
CA ILE A 105 -29.21 2.17 -16.05
C ILE A 105 -29.52 2.04 -14.57
N ASP A 106 -30.77 1.72 -14.26
CA ASP A 106 -31.28 1.63 -12.89
C ASP A 106 -31.44 0.15 -12.55
N LEU A 107 -30.65 -0.34 -11.59
CA LEU A 107 -30.52 -1.75 -11.30
C LEU A 107 -31.55 -2.29 -10.30
N ARG A 108 -32.62 -1.54 -10.02
CA ARG A 108 -33.55 -1.91 -8.95
C ARG A 108 -34.13 -3.32 -9.11
N ASN A 109 -34.28 -3.81 -10.35
CA ASN A 109 -34.84 -5.14 -10.57
C ASN A 109 -33.81 -6.25 -10.38
N LEU A 110 -32.52 -5.93 -10.38
CA LEU A 110 -31.49 -6.93 -10.12
C LEU A 110 -31.16 -6.88 -8.63
N ASN A 111 -32.08 -7.42 -7.83
CA ASN A 111 -31.96 -7.41 -6.38
C ASN A 111 -32.07 -8.81 -5.78
N LEU A 112 -31.70 -9.85 -6.55
CA LEU A 112 -31.78 -11.20 -6.03
C LEU A 112 -30.60 -11.51 -5.12
N ILE A 113 -30.89 -12.23 -4.03
CA ILE A 113 -29.92 -12.51 -2.99
C ILE A 113 -29.98 -13.99 -2.64
N ASN A 114 -28.84 -14.67 -2.70
CA ASN A 114 -28.74 -16.09 -2.38
C ASN A 114 -27.79 -16.27 -1.20
N VAL A 115 -28.35 -16.51 0.00
CA VAL A 115 -27.55 -16.73 1.21
C VAL A 115 -27.29 -18.23 1.39
N ASP A 116 -26.02 -18.58 1.62
CA ASP A 116 -25.56 -19.95 1.90
C ASP A 116 -24.91 -20.00 3.28
N VAL A 117 -25.60 -20.60 4.26
CA VAL A 117 -25.14 -20.58 5.66
C VAL A 117 -23.88 -21.43 5.85
N GLU A 118 -23.84 -22.61 5.23
CA GLU A 118 -22.74 -23.53 5.50
C GLU A 118 -21.40 -22.96 5.04
N SER A 119 -21.40 -22.21 3.94
CA SER A 119 -20.18 -21.60 3.44
C SER A 119 -20.00 -20.16 3.90
N LYS A 120 -20.97 -19.63 4.67
CA LYS A 120 -20.87 -18.27 5.21
C LYS A 120 -20.63 -17.24 4.10
N SER A 121 -21.46 -17.31 3.07
CA SER A 121 -21.26 -16.45 1.92
C SER A 121 -22.60 -16.20 1.24
N ALA A 122 -22.69 -15.07 0.54
CA ALA A 122 -23.90 -14.79 -0.23
C ALA A 122 -23.53 -14.15 -1.55
N TRP A 123 -24.24 -14.58 -2.60
CA TRP A 123 -24.24 -13.87 -3.87
C TRP A 123 -25.37 -12.85 -3.83
N VAL A 124 -25.07 -11.61 -4.22
CA VAL A 124 -25.98 -10.49 -4.06
C VAL A 124 -25.94 -9.65 -5.34
N GLN A 125 -27.08 -9.52 -6.02
CA GLN A 125 -27.15 -8.66 -7.20
C GLN A 125 -27.09 -7.19 -6.79
N ALA A 126 -26.49 -6.38 -7.66
CA ALA A 126 -25.99 -5.06 -7.24
C ALA A 126 -27.09 -4.03 -7.07
N GLY A 127 -28.33 -4.33 -7.45
CA GLY A 127 -29.45 -3.49 -7.14
C GLY A 127 -30.16 -3.80 -5.83
N ALA A 128 -29.68 -4.77 -5.07
CA ALA A 128 -30.25 -5.02 -3.74
C ALA A 128 -29.90 -3.90 -2.77
N THR A 129 -30.82 -3.60 -1.85
CA THR A 129 -30.49 -2.62 -0.82
C THR A 129 -29.80 -3.28 0.38
N ILE A 130 -29.18 -2.44 1.19
CA ILE A 130 -28.62 -2.90 2.46
C ILE A 130 -29.70 -3.55 3.31
N GLY A 131 -30.88 -2.94 3.37
CA GLY A 131 -31.96 -3.53 4.13
C GLY A 131 -32.36 -4.90 3.63
N GLU A 132 -32.49 -5.06 2.30
CA GLU A 132 -32.85 -6.37 1.76
C GLU A 132 -31.81 -7.41 2.15
N LEU A 133 -30.53 -7.05 2.07
CA LEU A 133 -29.48 -8.01 2.41
C LEU A 133 -29.57 -8.46 3.87
N TYR A 134 -29.75 -7.50 4.80
CA TYR A 134 -29.82 -7.84 6.22
C TYR A 134 -31.00 -8.76 6.52
N TYR A 135 -32.15 -8.48 5.93
CA TYR A 135 -33.31 -9.36 6.07
C TYR A 135 -33.00 -10.77 5.60
N ARG A 136 -32.44 -10.90 4.38
CA ARG A 136 -32.16 -12.22 3.83
C ARG A 136 -31.15 -12.99 4.67
N ILE A 137 -30.23 -12.30 5.33
CA ILE A 137 -29.31 -12.98 6.25
C ILE A 137 -30.06 -13.49 7.47
N ALA A 138 -30.87 -12.63 8.08
CA ALA A 138 -31.57 -13.00 9.31
C ALA A 138 -32.57 -14.12 9.06
N GLU A 139 -33.17 -14.15 7.87
CA GLU A 139 -34.12 -15.21 7.53
C GLU A 139 -33.51 -16.59 7.68
N LYS A 140 -32.18 -16.70 7.51
CA LYS A 140 -31.51 -17.99 7.50
C LYS A 140 -30.63 -18.23 8.71
N SER A 141 -30.37 -17.21 9.52
CA SER A 141 -29.45 -17.38 10.63
C SER A 141 -29.43 -16.12 11.47
N GLU A 142 -29.61 -16.30 12.77
CA GLU A 142 -29.40 -15.19 13.68
C GLU A 142 -27.93 -14.96 14.03
N ASN A 143 -27.01 -15.84 13.63
CA ASN A 143 -25.61 -15.71 14.03
C ASN A 143 -24.70 -15.27 12.89
N LEU A 144 -25.26 -14.76 11.80
CA LEU A 144 -24.42 -14.30 10.72
C LEU A 144 -24.77 -12.85 10.40
N ALA A 145 -23.79 -12.12 9.87
CA ALA A 145 -23.97 -10.72 9.54
C ALA A 145 -23.06 -10.35 8.38
N PHE A 146 -23.17 -9.11 7.92
CA PHE A 146 -22.25 -8.56 6.94
C PHE A 146 -21.98 -7.11 7.34
N PRO A 147 -20.71 -6.66 7.29
CA PRO A 147 -20.38 -5.30 7.73
C PRO A 147 -20.72 -4.28 6.66
N ALA A 148 -21.73 -3.46 6.92
CA ALA A 148 -22.20 -2.46 5.97
C ALA A 148 -22.87 -1.34 6.76
N GLY A 149 -23.43 -0.37 6.05
CA GLY A 149 -23.97 0.83 6.70
C GLY A 149 -25.25 0.52 7.45
N ASP A 150 -25.87 1.57 8.01
CA ASP A 150 -27.16 1.35 8.66
C ASP A 150 -28.34 2.04 7.98
N CYS A 151 -28.14 2.74 6.87
CA CYS A 151 -29.27 3.31 6.14
C CYS A 151 -29.85 2.23 5.22
N PRO A 152 -31.05 1.68 5.50
CA PRO A 152 -31.49 0.47 4.78
C PRO A 152 -31.83 0.68 3.31
N GLY A 153 -32.10 1.92 2.89
CA GLY A 153 -32.42 2.21 1.51
C GLY A 153 -31.23 2.27 0.56
N VAL A 154 -30.01 2.22 1.11
CA VAL A 154 -28.80 2.37 0.31
C VAL A 154 -28.56 1.12 -0.54
N GLY A 155 -28.14 1.33 -1.78
CA GLY A 155 -27.81 0.22 -2.67
C GLY A 155 -26.48 -0.44 -2.31
N ILE A 156 -26.43 -1.76 -2.45
CA ILE A 156 -25.20 -2.50 -2.23
C ILE A 156 -24.17 -2.13 -3.31
N GLY A 157 -24.62 -1.72 -4.49
CA GLY A 157 -23.69 -1.45 -5.57
C GLY A 157 -22.77 -0.31 -5.23
N GLY A 158 -23.35 0.83 -4.84
CA GLY A 158 -22.55 1.99 -4.55
C GLY A 158 -21.85 1.94 -3.22
N GLN A 159 -22.47 1.32 -2.20
CA GLN A 159 -21.88 1.37 -0.87
C GLN A 159 -20.60 0.54 -0.83
N ILE A 160 -20.65 -0.68 -1.37
CA ILE A 160 -19.43 -1.47 -1.48
C ILE A 160 -18.47 -0.83 -2.46
N GLY A 161 -18.99 -0.34 -3.59
CA GLY A 161 -18.23 0.43 -4.54
C GLY A 161 -17.33 1.53 -3.96
N GLY A 162 -17.74 2.17 -2.88
CA GLY A 162 -16.91 3.20 -2.28
C GLY A 162 -16.33 2.85 -0.92
N GLY A 163 -16.51 1.62 -0.45
CA GLY A 163 -16.03 1.21 0.86
C GLY A 163 -17.07 0.48 1.70
N GLY A 164 -17.85 1.23 2.49
CA GLY A 164 -18.95 0.64 3.24
C GLY A 164 -18.69 0.53 4.74
N TYR A 165 -18.93 1.61 5.47
CA TYR A 165 -18.60 1.69 6.89
C TYR A 165 -19.85 1.49 7.75
N GLY A 166 -19.66 0.90 8.93
CA GLY A 166 -20.75 0.78 9.88
C GLY A 166 -20.28 0.23 11.21
N TYR A 167 -21.26 -0.17 12.04
CA TYR A 167 -20.97 -0.60 13.41
C TYR A 167 -20.00 -1.78 13.50
N LEU A 168 -19.96 -2.67 12.50
CA LEU A 168 -19.03 -3.79 12.52
C LEU A 168 -17.66 -3.47 11.91
N ALA A 169 -17.47 -2.25 11.41
CA ALA A 169 -16.18 -1.91 10.79
C ALA A 169 -15.00 -2.10 11.75
N ARG A 170 -15.16 -1.72 13.03
CA ARG A 170 -14.04 -1.88 13.95
C ARG A 170 -13.75 -3.35 14.24
N LYS A 171 -14.68 -4.25 13.93
CA LYS A 171 -14.45 -5.67 14.16
C LYS A 171 -14.02 -6.40 12.89
N TYR A 172 -14.58 -6.04 11.74
CA TYR A 172 -14.38 -6.81 10.51
C TYR A 172 -13.94 -5.98 9.32
N GLY A 173 -13.78 -4.66 9.49
CA GLY A 173 -13.44 -3.81 8.36
C GLY A 173 -14.64 -3.34 7.57
N LEU A 174 -14.33 -2.71 6.43
CA LEU A 174 -15.35 -2.22 5.52
C LEU A 174 -16.02 -3.36 4.76
N ALA A 175 -17.22 -3.08 4.23
CA ALA A 175 -17.87 -4.04 3.36
C ALA A 175 -16.96 -4.47 2.22
N ALA A 176 -16.28 -3.49 1.62
CA ALA A 176 -15.32 -3.76 0.57
C ALA A 176 -14.21 -4.70 1.04
N ASP A 177 -13.88 -4.71 2.34
CA ASP A 177 -12.89 -5.69 2.77
C ASP A 177 -13.45 -7.10 2.90
N ASN A 178 -14.75 -7.31 2.67
CA ASN A 178 -15.37 -8.60 2.91
C ASN A 178 -16.06 -9.14 1.66
N VAL A 179 -15.49 -8.85 0.50
CA VAL A 179 -16.02 -9.28 -0.77
C VAL A 179 -15.13 -10.40 -1.31
N LEU A 180 -15.76 -11.49 -1.73
CA LEU A 180 -15.05 -12.67 -2.24
C LEU A 180 -14.95 -12.70 -3.75
N ASP A 181 -15.95 -12.19 -4.47
CA ASP A 181 -16.06 -12.30 -5.92
C ASP A 181 -17.05 -11.24 -6.36
N ALA A 182 -17.19 -11.08 -7.67
CA ALA A 182 -18.07 -10.08 -8.25
C ALA A 182 -18.25 -10.42 -9.71
N GLU A 183 -19.33 -9.94 -10.31
CA GLU A 183 -19.53 -10.00 -11.75
C GLU A 183 -19.71 -8.58 -12.30
N VAL A 184 -18.99 -8.28 -13.37
CA VAL A 184 -18.98 -6.93 -13.91
C VAL A 184 -19.06 -7.01 -15.42
N ILE A 185 -19.70 -6.00 -16.00
CA ILE A 185 -19.65 -5.75 -17.43
C ILE A 185 -18.61 -4.68 -17.69
N ASP A 186 -17.68 -4.95 -18.61
CA ASP A 186 -16.71 -3.95 -19.02
C ASP A 186 -17.19 -3.23 -20.28
N VAL A 187 -16.33 -2.33 -20.79
CA VAL A 187 -16.67 -1.50 -21.96
C VAL A 187 -16.89 -2.35 -23.21
N LYS A 188 -16.24 -3.51 -23.29
CA LYS A 188 -16.43 -4.40 -24.42
C LYS A 188 -17.66 -5.30 -24.28
N GLY A 189 -18.53 -5.06 -23.30
CA GLY A 189 -19.72 -5.87 -23.14
C GLY A 189 -19.51 -7.23 -22.52
N ARG A 190 -18.29 -7.54 -22.09
CA ARG A 190 -17.99 -8.87 -21.55
C ARG A 190 -18.43 -8.98 -20.10
N ILE A 191 -18.94 -10.14 -19.73
CA ILE A 191 -19.22 -10.43 -18.33
C ILE A 191 -17.97 -11.05 -17.73
N LEU A 192 -17.45 -10.42 -16.68
CA LEU A 192 -16.27 -10.93 -16.02
C LEU A 192 -16.57 -11.19 -14.55
N ASP A 193 -15.86 -12.15 -13.98
CA ASP A 193 -15.83 -12.34 -12.54
C ASP A 193 -14.41 -12.08 -12.07
N ARG A 194 -14.15 -12.40 -10.81
CA ARG A 194 -12.85 -12.05 -10.24
C ARG A 194 -11.70 -12.67 -11.04
N LYS A 195 -11.74 -13.99 -11.25
CA LYS A 195 -10.62 -14.64 -11.95
C LYS A 195 -10.46 -14.12 -13.37
N SER A 196 -11.55 -13.94 -14.10
CA SER A 196 -11.43 -13.46 -15.47
C SER A 196 -11.16 -11.96 -15.56
N MET A 197 -11.56 -11.16 -14.56
CA MET A 197 -11.27 -9.73 -14.67
C MET A 197 -9.86 -9.40 -14.20
N GLY A 198 -9.24 -10.26 -13.39
CA GLY A 198 -7.93 -9.98 -12.85
C GLY A 198 -8.01 -9.30 -11.48
N GLU A 199 -6.93 -9.47 -10.71
CA GLU A 199 -6.87 -8.92 -9.36
C GLU A 199 -6.90 -7.39 -9.36
N ASP A 200 -6.31 -6.74 -10.36
CA ASP A 200 -6.23 -5.29 -10.36
C ASP A 200 -7.62 -4.65 -10.48
N LEU A 201 -8.42 -5.10 -11.43
CA LEU A 201 -9.78 -4.56 -11.54
C LEU A 201 -10.64 -5.02 -10.38
N PHE A 202 -10.39 -6.22 -9.86
CA PHE A 202 -11.15 -6.67 -8.69
C PHE A 202 -10.80 -5.82 -7.47
N TRP A 203 -9.54 -5.36 -7.39
CA TRP A 203 -9.14 -4.40 -6.36
C TRP A 203 -9.82 -3.05 -6.57
N ALA A 204 -9.82 -2.55 -7.81
CA ALA A 204 -10.30 -1.21 -8.08
C ALA A 204 -11.80 -1.03 -7.76
N ILE A 205 -12.62 -2.04 -8.05
CA ILE A 205 -14.06 -1.84 -7.85
C ILE A 205 -14.49 -1.89 -6.39
N ARG A 206 -13.66 -2.42 -5.50
CA ARG A 206 -13.98 -2.50 -4.07
C ARG A 206 -13.44 -1.26 -3.36
N GLY A 207 -14.10 -0.14 -3.60
CA GLY A 207 -13.75 1.10 -2.93
C GLY A 207 -13.19 2.17 -3.85
N GLY A 208 -12.93 1.86 -5.11
CA GLY A 208 -12.45 2.90 -6.01
C GLY A 208 -13.52 3.57 -6.85
N GLY A 209 -14.81 3.33 -6.58
CA GLY A 209 -15.86 3.88 -7.41
C GLY A 209 -15.99 3.13 -8.72
N PRO A 210 -16.79 2.06 -8.72
CA PRO A 210 -16.96 1.25 -9.93
C PRO A 210 -17.44 2.03 -11.14
N ALA A 211 -18.04 3.21 -10.96
CA ALA A 211 -18.56 3.94 -12.11
C ALA A 211 -17.46 4.38 -13.05
N SER A 212 -16.20 4.41 -12.58
CA SER A 212 -15.05 4.71 -13.42
C SER A 212 -14.65 3.58 -14.35
N PHE A 213 -15.12 2.34 -14.11
CA PHE A 213 -14.50 1.16 -14.71
C PHE A 213 -15.47 0.25 -15.45
N GLY A 214 -16.75 0.28 -15.14
CA GLY A 214 -17.74 -0.59 -15.76
C GLY A 214 -19.00 -0.60 -14.91
N ILE A 215 -19.72 -1.71 -14.99
CA ILE A 215 -21.01 -1.85 -14.30
C ILE A 215 -20.98 -3.15 -13.50
N VAL A 216 -20.99 -3.04 -12.17
CA VAL A 216 -21.01 -4.23 -11.33
C VAL A 216 -22.42 -4.82 -11.33
N LEU A 217 -22.52 -6.11 -11.62
CA LEU A 217 -23.82 -6.78 -11.63
C LEU A 217 -24.11 -7.55 -10.34
N SER A 218 -23.07 -8.00 -9.64
CA SER A 218 -23.30 -8.76 -8.42
C SER A 218 -22.01 -8.83 -7.63
N TRP A 219 -22.16 -9.09 -6.32
CA TRP A 219 -21.07 -9.23 -5.37
C TRP A 219 -21.21 -10.58 -4.68
N LYS A 220 -20.09 -11.23 -4.41
CA LYS A 220 -20.09 -12.40 -3.55
C LYS A 220 -19.53 -11.98 -2.21
N LEU A 221 -20.37 -12.02 -1.19
CA LEU A 221 -20.03 -11.50 0.13
C LEU A 221 -19.60 -12.61 1.09
N GLN A 222 -18.59 -12.30 1.90
CA GLN A 222 -18.19 -13.14 3.02
C GLN A 222 -19.00 -12.72 4.25
N LEU A 223 -19.86 -13.61 4.75
CA LEU A 223 -20.62 -13.32 5.96
C LEU A 223 -19.77 -13.59 7.19
N VAL A 224 -20.09 -12.90 8.28
CA VAL A 224 -19.24 -12.87 9.48
C VAL A 224 -20.04 -13.27 10.71
N PRO A 225 -19.40 -13.83 11.74
CA PRO A 225 -20.14 -14.26 12.95
C PRO A 225 -20.54 -13.08 13.83
N VAL A 226 -21.75 -13.18 14.39
CA VAL A 226 -22.22 -12.31 15.47
C VAL A 226 -22.95 -13.16 16.50
N PRO A 227 -22.99 -12.70 17.74
CA PRO A 227 -23.75 -13.43 18.77
C PRO A 227 -25.24 -13.31 18.54
N SER A 228 -25.97 -14.21 19.20
CA SER A 228 -27.43 -14.19 19.11
C SER A 228 -28.03 -12.95 19.75
N ILE A 229 -27.36 -12.39 20.75
CA ILE A 229 -27.83 -11.20 21.46
C ILE A 229 -26.77 -10.13 21.36
N VAL A 230 -27.15 -8.95 20.86
CA VAL A 230 -26.30 -7.77 20.93
C VAL A 230 -27.05 -6.68 21.69
N THR A 231 -26.33 -5.59 22.00
CA THR A 231 -26.84 -4.51 22.84
C THR A 231 -26.64 -3.17 22.15
N VAL A 232 -27.64 -2.30 22.27
CA VAL A 232 -27.63 -0.99 21.64
C VAL A 232 -28.03 0.08 22.66
N PHE A 233 -27.68 1.31 22.34
CA PHE A 233 -28.21 2.43 23.10
C PHE A 233 -28.18 3.66 22.22
N ASP A 234 -28.97 4.67 22.60
CA ASP A 234 -29.01 5.96 21.91
C ASP A 234 -29.46 6.98 22.94
N VAL A 235 -28.49 7.67 23.55
CA VAL A 235 -28.73 8.50 24.72
C VAL A 235 -28.34 9.93 24.41
N SER A 236 -28.97 10.85 25.14
CA SER A 236 -28.67 12.26 25.04
C SER A 236 -27.94 12.71 26.31
N ARG A 237 -27.07 13.70 26.18
CA ARG A 237 -26.37 14.23 27.33
C ARG A 237 -26.30 15.75 27.24
N HIS A 238 -26.08 16.38 28.40
CA HIS A 238 -26.05 17.83 28.52
C HIS A 238 -24.63 18.35 28.27
N MET A 239 -24.46 19.19 27.25
CA MET A 239 -23.14 19.67 26.89
C MET A 239 -22.52 20.54 27.97
N GLU A 240 -23.32 21.21 28.80
CA GLU A 240 -22.75 22.09 29.81
C GLU A 240 -22.20 21.34 31.01
N ASP A 241 -22.52 20.06 31.16
CA ASP A 241 -22.01 19.28 32.28
C ASP A 241 -20.55 18.88 32.05
N ASP A 242 -19.74 19.03 33.09
CA ASP A 242 -18.33 18.65 32.95
C ASP A 242 -18.16 17.18 32.58
N THR A 243 -19.05 16.30 33.08
CA THR A 243 -18.95 14.87 32.72
C THR A 243 -19.06 14.68 31.22
N THR A 244 -20.02 15.35 30.58
CA THR A 244 -20.17 15.25 29.14
C THR A 244 -18.93 15.76 28.41
N LYS A 245 -18.35 16.86 28.90
CA LYS A 245 -17.16 17.39 28.25
C LYS A 245 -15.98 16.45 28.41
N LYS A 246 -15.81 15.84 29.59
CA LYS A 246 -14.75 14.84 29.73
C LYS A 246 -15.01 13.65 28.82
N PHE A 247 -16.27 13.19 28.74
CA PHE A 247 -16.56 12.04 27.88
C PHE A 247 -16.16 12.29 26.42
N VAL A 248 -16.48 13.47 25.88
CA VAL A 248 -16.09 13.78 24.50
C VAL A 248 -14.58 13.85 24.39
N HIS A 249 -13.93 14.48 25.38
CA HIS A 249 -12.48 14.46 25.47
C HIS A 249 -11.93 13.04 25.43
N GLN A 250 -12.50 12.16 26.25
CA GLN A 250 -12.09 10.76 26.29
C GLN A 250 -12.49 9.99 25.02
N TRP A 251 -13.66 10.31 24.42
CA TRP A 251 -14.05 9.65 23.18
C TRP A 251 -13.00 9.86 22.08
N GLN A 252 -12.57 11.11 21.90
CA GLN A 252 -11.56 11.46 20.90
C GLN A 252 -10.29 10.64 21.06
N ARG A 253 -9.92 10.32 22.30
CA ARG A 253 -8.67 9.62 22.56
C ARG A 253 -8.82 8.11 22.66
N ARG A 254 -10.05 7.60 22.79
CA ARG A 254 -10.25 6.21 23.19
C ARG A 254 -11.26 5.43 22.36
N ALA A 255 -12.15 6.09 21.59
CA ALA A 255 -13.19 5.31 20.94
C ALA A 255 -12.64 4.41 19.83
N ASP A 256 -11.48 4.75 19.28
CA ASP A 256 -10.79 3.92 18.29
C ASP A 256 -9.90 2.85 18.93
N LYS A 257 -9.79 2.83 20.26
CA LYS A 257 -8.89 1.90 20.94
C LYS A 257 -9.60 0.89 21.82
N VAL A 258 -10.87 1.12 22.18
CA VAL A 258 -11.61 0.18 23.02
C VAL A 258 -11.88 -1.12 22.27
N ASP A 259 -12.36 -2.12 23.00
CA ASP A 259 -12.70 -3.42 22.42
C ASP A 259 -13.40 -3.28 21.07
N GLU A 260 -13.01 -4.14 20.13
CA GLU A 260 -13.53 -4.07 18.77
C GLU A 260 -15.03 -4.33 18.68
N ASP A 261 -15.63 -4.95 19.71
CA ASP A 261 -17.08 -5.21 19.69
C ASP A 261 -17.91 -3.97 19.90
N LEU A 262 -17.30 -2.85 20.31
CA LEU A 262 -18.02 -1.64 20.69
C LEU A 262 -17.72 -0.48 19.74
N SER A 263 -18.76 0.08 19.12
CA SER A 263 -18.64 1.25 18.26
C SER A 263 -19.65 2.29 18.72
N ILE A 264 -19.15 3.46 19.13
CA ILE A 264 -19.97 4.55 19.66
C ILE A 264 -19.88 5.74 18.71
N TYR A 265 -21.01 6.11 18.12
CA TYR A 265 -21.13 7.30 17.28
C TYR A 265 -21.55 8.50 18.11
N GLY A 266 -21.18 9.68 17.66
CA GLY A 266 -21.63 10.93 18.28
C GLY A 266 -22.37 11.79 17.28
N ARG A 267 -23.31 12.58 17.79
CA ARG A 267 -24.01 13.54 16.94
C ARG A 267 -24.29 14.83 17.71
N PHE A 268 -24.08 15.95 17.04
CA PHE A 268 -24.29 17.27 17.62
C PHE A 268 -25.15 18.11 16.69
N GLN A 269 -26.00 18.93 17.29
CA GLN A 269 -26.93 19.80 16.58
C GLN A 269 -27.36 20.90 17.54
N THR A 270 -27.89 21.98 17.00
CA THR A 270 -28.52 22.97 17.88
C THR A 270 -30.04 22.91 17.78
N GLU A 271 -30.70 23.37 18.84
CA GLU A 271 -32.16 23.46 18.86
C GLU A 271 -32.57 24.73 19.58
N SER A 272 -33.79 25.18 19.26
CA SER A 272 -34.40 26.31 19.92
C SER A 272 -34.98 25.89 21.25
N SER A 273 -34.63 26.61 22.31
CA SER A 273 -35.18 26.31 23.60
C SER A 273 -35.48 27.63 24.31
N VAL A 274 -35.81 27.52 25.58
CA VAL A 274 -36.06 28.67 26.43
C VAL A 274 -35.44 28.39 27.79
N ASP A 275 -34.99 29.44 28.47
CA ASP A 275 -34.59 29.27 29.86
C ASP A 275 -35.84 29.18 30.76
N ASN A 276 -35.62 29.09 32.07
CA ASN A 276 -36.74 28.94 32.99
C ASN A 276 -37.66 30.15 32.95
N GLU A 277 -37.11 31.33 32.70
CA GLU A 277 -37.84 32.59 32.64
C GLU A 277 -38.57 32.80 31.31
N GLY A 278 -38.40 31.89 30.35
CA GLY A 278 -39.06 32.04 29.07
C GLY A 278 -38.27 32.77 27.99
N ASN A 279 -37.01 33.10 28.26
CA ASN A 279 -36.18 33.79 27.27
C ASN A 279 -35.62 32.79 26.26
N LYS A 280 -35.72 33.14 24.98
CA LYS A 280 -35.25 32.27 23.91
C LYS A 280 -33.75 32.02 24.04
N LYS A 281 -33.35 30.77 23.86
CA LYS A 281 -31.96 30.36 23.97
C LYS A 281 -31.71 29.23 22.97
N ILE A 282 -30.52 29.22 22.37
CA ILE A 282 -30.08 28.13 21.50
C ILE A 282 -29.19 27.20 22.32
N VAL A 283 -29.48 25.90 22.30
CA VAL A 283 -28.69 24.92 23.02
C VAL A 283 -28.09 23.95 22.02
N VAL A 284 -26.93 23.40 22.36
CA VAL A 284 -26.35 22.29 21.62
C VAL A 284 -26.81 20.99 22.25
N ARG A 285 -27.37 20.10 21.44
CA ARG A 285 -27.70 18.76 21.89
C ARG A 285 -26.63 17.78 21.44
N ALA A 286 -26.18 16.95 22.36
CA ALA A 286 -25.21 15.88 22.12
C ALA A 286 -25.90 14.53 22.29
N SER A 287 -25.82 13.69 21.26
CA SER A 287 -26.39 12.33 21.25
C SER A 287 -25.28 11.31 20.98
N PHE A 288 -25.32 10.19 21.67
CA PHE A 288 -24.36 9.12 21.48
C PHE A 288 -25.12 7.81 21.31
N ARG A 289 -24.84 7.10 20.21
CA ARG A 289 -25.57 5.91 19.82
C ARG A 289 -24.58 4.80 19.50
N ALA A 290 -24.95 3.57 19.82
CA ALA A 290 -23.93 2.52 19.77
C ALA A 290 -24.54 1.16 19.54
N THR A 291 -23.75 0.27 18.96
CA THR A 291 -24.02 -1.15 19.00
C THR A 291 -22.83 -1.82 19.66
N PHE A 292 -23.10 -2.68 20.63
CA PHE A 292 -22.10 -3.55 21.23
C PHE A 292 -22.41 -5.00 20.82
N HIS A 293 -21.44 -5.66 20.20
CA HIS A 293 -21.69 -7.01 19.69
C HIS A 293 -21.47 -8.02 20.83
N GLY A 294 -22.40 -7.97 21.77
CA GLY A 294 -22.27 -8.67 23.05
C GLY A 294 -23.40 -8.31 23.99
N GLY A 295 -23.35 -8.95 25.18
CA GLY A 295 -24.41 -8.79 26.16
C GLY A 295 -24.27 -7.53 26.99
N VAL A 296 -25.39 -7.15 27.62
CA VAL A 296 -25.49 -5.86 28.30
C VAL A 296 -24.60 -5.80 29.56
N ASP A 297 -24.45 -6.90 30.28
CA ASP A 297 -23.59 -6.86 31.46
C ASP A 297 -22.13 -6.63 31.07
N ARG A 298 -21.66 -7.31 30.03
CA ARG A 298 -20.31 -7.04 29.54
C ARG A 298 -20.18 -5.59 29.04
N LEU A 299 -21.18 -5.09 28.33
CA LEU A 299 -21.15 -3.70 27.90
C LEU A 299 -21.01 -2.75 29.10
N LEU A 300 -21.85 -2.94 30.13
CA LEU A 300 -21.83 -2.03 31.27
C LEU A 300 -20.50 -2.09 32.02
N GLN A 301 -19.90 -3.27 32.15
CA GLN A 301 -18.57 -3.34 32.74
C GLN A 301 -17.54 -2.63 31.88
N LEU A 302 -17.66 -2.77 30.56
CA LEU A 302 -16.71 -2.10 29.66
C LEU A 302 -16.82 -0.58 29.77
N MET A 303 -18.05 -0.05 29.74
CA MET A 303 -18.22 1.40 29.81
C MET A 303 -17.72 1.96 31.13
N GLN A 304 -17.92 1.23 32.25
CA GLN A 304 -17.39 1.73 33.51
C GLN A 304 -15.87 1.78 33.48
N LYS A 305 -15.24 0.81 32.83
CA LYS A 305 -13.78 0.83 32.72
C LYS A 305 -13.30 1.97 31.81
N GLU A 306 -13.89 2.13 30.62
CA GLU A 306 -13.36 3.04 29.60
C GLU A 306 -14.06 4.40 29.55
N PHE A 307 -15.38 4.48 29.73
CA PHE A 307 -16.10 5.75 29.62
C PHE A 307 -17.03 5.97 30.82
N PRO A 308 -16.50 6.00 32.05
CA PRO A 308 -17.39 6.24 33.19
C PRO A 308 -18.10 7.59 33.11
N GLU A 309 -17.50 8.59 32.45
CA GLU A 309 -18.08 9.92 32.42
C GLU A 309 -19.34 10.00 31.58
N LEU A 310 -19.63 8.98 30.75
CA LEU A 310 -20.92 8.93 30.08
C LEU A 310 -22.02 8.58 31.06
N GLY A 311 -21.68 7.84 32.12
CA GLY A 311 -22.70 7.38 33.05
C GLY A 311 -23.80 6.59 32.36
N LEU A 312 -23.42 5.61 31.53
CA LEU A 312 -24.42 4.84 30.80
C LEU A 312 -25.30 4.06 31.78
N LEU A 313 -26.62 4.13 31.59
CA LEU A 313 -27.55 3.46 32.49
C LEU A 313 -28.02 2.14 31.90
N ARG A 314 -28.19 1.15 32.78
CA ARG A 314 -28.78 -0.11 32.36
C ARG A 314 -30.10 0.10 31.63
N GLN A 315 -30.92 1.05 32.08
CA GLN A 315 -32.21 1.23 31.42
C GLN A 315 -32.10 1.92 30.07
N GLU A 316 -30.91 2.41 29.70
CA GLU A 316 -30.73 2.96 28.37
C GLU A 316 -30.31 1.89 27.35
N CYS A 317 -29.93 0.71 27.82
CA CYS A 317 -29.45 -0.35 26.95
C CYS A 317 -30.58 -1.30 26.60
N HIS A 318 -30.49 -1.90 25.41
CA HIS A 318 -31.52 -2.76 24.87
C HIS A 318 -30.87 -3.95 24.17
N GLU A 319 -31.20 -5.15 24.61
CA GLU A 319 -30.74 -6.35 23.95
C GLU A 319 -31.72 -6.77 22.87
N MET A 320 -31.19 -7.36 21.81
CA MET A 320 -31.97 -7.81 20.66
C MET A 320 -31.06 -8.66 19.79
N LYS A 321 -31.64 -9.22 18.74
CA LYS A 321 -30.88 -9.88 17.70
C LYS A 321 -30.18 -8.87 16.81
N TRP A 322 -29.08 -9.30 16.19
CA TRP A 322 -28.26 -8.38 15.40
C TRP A 322 -29.07 -7.63 14.36
N ALA A 323 -29.97 -8.32 13.65
CA ALA A 323 -30.69 -7.65 12.57
C ALA A 323 -31.71 -6.64 13.09
N GLU A 324 -32.17 -6.80 14.31
CA GLU A 324 -33.14 -5.84 14.83
C GLU A 324 -32.49 -4.51 15.21
N THR A 325 -31.15 -4.47 15.36
CA THR A 325 -30.49 -3.22 15.69
C THR A 325 -30.72 -2.17 14.62
N PHE A 326 -30.95 -2.62 13.38
CA PHE A 326 -31.22 -1.69 12.28
C PHE A 326 -32.63 -1.16 12.33
N LEU A 327 -33.54 -1.86 13.00
CA LEU A 327 -34.80 -1.21 13.36
C LEU A 327 -34.57 -0.13 14.41
N PHE A 328 -33.92 -0.49 15.51
CA PHE A 328 -33.67 0.49 16.57
C PHE A 328 -32.89 1.70 16.05
N HIS A 329 -31.82 1.47 15.31
CA HIS A 329 -31.03 2.60 14.83
C HIS A 329 -31.69 3.38 13.71
N ASN A 330 -32.81 2.89 13.16
CA ASN A 330 -33.57 3.69 12.20
C ASN A 330 -34.93 4.12 12.77
N ASN A 331 -35.06 4.09 14.11
CA ASN A 331 -36.19 4.66 14.82
C ASN A 331 -37.48 3.88 14.58
N PHE A 332 -37.37 2.57 14.39
CA PHE A 332 -38.51 1.66 14.41
C PHE A 332 -38.50 1.00 15.79
N ARG A 333 -39.07 1.70 16.76
CA ARG A 333 -38.87 1.30 18.15
C ARG A 333 -40.21 1.10 18.89
N GLU A 336 -42.47 -1.92 17.89
CA GLU A 336 -43.52 -2.74 17.28
C GLU A 336 -43.14 -3.42 15.95
N SER A 337 -42.30 -2.80 15.13
CA SER A 337 -42.16 -3.19 13.73
C SER A 337 -41.51 -4.55 13.54
N LEU A 338 -41.91 -5.22 12.46
CA LEU A 338 -41.28 -6.46 12.03
C LEU A 338 -40.07 -6.14 11.17
N ASP A 339 -39.13 -7.10 11.11
CA ASP A 339 -37.99 -7.00 10.19
C ASP A 339 -38.39 -6.67 8.76
N VAL A 340 -39.64 -6.98 8.36
CA VAL A 340 -40.07 -6.77 6.98
C VAL A 340 -40.02 -5.32 6.57
N LEU A 341 -39.96 -4.40 7.53
CA LEU A 341 -39.81 -2.99 7.18
C LEU A 341 -38.51 -2.76 6.40
N LEU A 342 -37.48 -3.57 6.65
CA LEU A 342 -36.23 -3.43 5.92
C LEU A 342 -36.40 -3.70 4.42
N ASN A 343 -37.51 -4.30 4.00
CA ASN A 343 -37.76 -4.51 2.58
C ASN A 343 -38.38 -3.30 1.89
N ARG A 344 -38.91 -2.33 2.63
CA ARG A 344 -39.42 -1.11 1.99
C ARG A 344 -38.26 -0.26 1.48
N LYS A 349 -35.97 12.27 1.17
CA LYS A 349 -37.15 13.12 1.30
C LYS A 349 -36.78 14.58 1.61
N SER A 350 -35.48 14.91 1.59
CA SER A 350 -35.04 16.27 1.81
C SER A 350 -33.81 16.56 0.94
N SER A 351 -33.47 17.84 0.85
CA SER A 351 -32.25 18.30 0.19
C SER A 351 -31.17 18.51 1.23
N PHE A 352 -29.92 18.25 0.84
CA PHE A 352 -28.84 18.38 1.82
C PHE A 352 -27.53 18.65 1.11
N LYS A 353 -26.59 19.20 1.86
CA LYS A 353 -25.19 19.28 1.46
C LYS A 353 -24.37 18.71 2.61
N ALA A 354 -23.46 17.80 2.29
CA ALA A 354 -22.64 17.16 3.30
C ALA A 354 -21.17 17.30 2.94
N LYS A 355 -20.33 17.36 3.97
CA LYS A 355 -18.88 17.32 3.83
C LYS A 355 -18.33 16.50 4.98
N SER A 356 -17.02 16.21 4.94
CA SER A 356 -16.44 15.31 5.93
C SER A 356 -14.91 15.42 5.93
N ASP A 357 -14.30 14.79 6.94
CA ASP A 357 -12.87 14.92 7.24
C ASP A 357 -12.43 13.69 8.04
N PHE A 358 -11.13 13.45 8.03
CA PHE A 358 -10.51 12.46 8.92
C PHE A 358 -9.65 13.19 9.96
N VAL A 359 -9.68 12.72 11.20
CA VAL A 359 -8.93 13.35 12.28
C VAL A 359 -7.87 12.38 12.77
N LYS A 360 -6.61 12.82 12.76
CA LYS A 360 -5.46 12.04 13.19
C LYS A 360 -4.97 12.41 14.58
N LYS A 361 -5.43 13.54 15.14
CA LYS A 361 -4.97 14.03 16.43
C LYS A 361 -6.15 14.67 17.18
N PRO A 362 -6.32 14.37 18.46
CA PRO A 362 -7.49 14.88 19.16
C PRO A 362 -7.56 16.39 19.05
N ILE A 363 -8.74 16.90 18.70
CA ILE A 363 -8.98 18.34 18.64
C ILE A 363 -9.14 18.88 20.05
N SER A 364 -8.45 19.99 20.35
CA SER A 364 -8.42 20.49 21.71
C SER A 364 -9.79 21.03 22.11
N ASP A 365 -10.11 20.88 23.40
CA ASP A 365 -11.48 21.13 23.88
C ASP A 365 -11.98 22.50 23.44
N ASP A 366 -11.11 23.52 23.45
CA ASP A 366 -11.57 24.86 23.10
C ASP A 366 -11.89 24.98 21.61
N ILE A 367 -11.14 24.28 20.76
CA ILE A 367 -11.46 24.34 19.34
C ILE A 367 -12.73 23.55 19.06
N PHE A 368 -12.94 22.45 19.78
CA PHE A 368 -14.16 21.69 19.57
C PHE A 368 -15.38 22.52 19.92
N GLU A 369 -15.31 23.29 21.01
CA GLU A 369 -16.42 24.18 21.38
C GLU A 369 -16.64 25.28 20.36
N GLU A 370 -15.56 25.90 19.83
CA GLU A 370 -15.76 26.88 18.77
C GLU A 370 -16.40 26.24 17.53
N MET A 371 -15.98 25.02 17.18
CA MET A 371 -16.61 24.32 16.06
C MET A 371 -18.10 24.09 16.33
N LEU A 372 -18.46 23.65 17.54
CA LEU A 372 -19.87 23.50 17.89
C LEU A 372 -20.59 24.83 17.81
N GLY A 373 -19.90 25.92 18.18
CA GLY A 373 -20.51 27.24 18.17
C GLY A 373 -20.97 27.68 16.80
N LYS A 374 -20.34 27.17 15.73
CA LYS A 374 -20.83 27.48 14.40
C LYS A 374 -22.24 26.96 14.17
N LEU A 375 -22.67 25.95 14.92
CA LEU A 375 -24.02 25.43 14.76
C LEU A 375 -25.09 26.43 15.16
N TYR A 376 -24.72 27.48 15.89
CA TYR A 376 -25.70 28.47 16.33
C TYR A 376 -26.30 29.24 15.17
N GLU A 377 -25.61 29.28 14.02
CA GLU A 377 -26.14 29.90 12.81
C GLU A 377 -27.09 28.99 12.04
N LYS A 378 -27.21 27.70 12.41
CA LYS A 378 -27.99 26.73 11.62
C LYS A 378 -28.73 25.84 12.61
N VAL A 379 -29.79 26.39 13.18
CA VAL A 379 -30.49 25.74 14.29
C VAL A 379 -31.45 24.70 13.73
N GLY A 380 -31.35 23.47 14.25
CA GLY A 380 -32.26 22.41 13.87
C GLY A 380 -31.97 21.70 12.57
N ASN A 381 -31.26 22.33 11.62
CA ASN A 381 -31.06 21.72 10.30
C ASN A 381 -29.58 21.47 9.97
N ALA A 382 -28.69 21.37 10.96
CA ALA A 382 -27.29 21.07 10.73
C ALA A 382 -26.82 20.07 11.78
N PHE A 383 -25.96 19.14 11.37
CA PHE A 383 -25.54 18.04 12.23
C PHE A 383 -24.06 17.78 12.02
N ILE A 384 -23.35 17.52 13.13
CA ILE A 384 -21.98 17.05 13.10
C ILE A 384 -21.98 15.66 13.71
N ASP A 385 -21.50 14.68 12.95
CA ASP A 385 -21.44 13.31 13.43
C ASP A 385 -19.98 12.85 13.53
N LEU A 386 -19.72 11.99 14.51
CA LEU A 386 -18.39 11.43 14.75
C LEU A 386 -18.46 9.92 14.69
N PHE A 387 -17.62 9.32 13.84
CA PHE A 387 -17.59 7.86 13.64
C PHE A 387 -16.21 7.34 14.00
N PRO A 388 -16.08 6.38 14.93
CA PRO A 388 -14.76 5.93 15.34
C PRO A 388 -14.16 4.92 14.38
N LEU A 389 -12.84 4.96 14.25
CA LEU A 389 -12.11 4.01 13.41
C LEU A 389 -11.28 3.10 14.30
N GLY A 390 -10.04 2.79 13.89
CA GLY A 390 -9.27 1.84 14.65
C GLY A 390 -9.87 0.44 14.67
N GLY A 391 -9.41 -0.35 15.64
CA GLY A 391 -9.85 -1.75 15.72
C GLY A 391 -9.32 -2.51 14.51
N LYS A 392 -10.19 -3.28 13.86
CA LYS A 392 -9.79 -4.00 12.66
C LYS A 392 -9.25 -3.06 11.58
N MET A 393 -9.76 -1.83 11.53
CA MET A 393 -9.27 -0.89 10.53
C MET A 393 -7.77 -0.69 10.60
N ASN A 394 -7.19 -0.72 11.81
CA ASN A 394 -5.75 -0.53 11.91
C ASN A 394 -4.94 -1.72 11.42
N GLU A 395 -5.55 -2.90 11.33
CA GLU A 395 -4.81 -4.11 10.97
C GLU A 395 -4.81 -4.36 9.47
N ILE A 396 -5.56 -3.58 8.74
CA ILE A 396 -5.71 -3.78 7.31
C ILE A 396 -4.77 -2.80 6.62
N SER A 397 -4.02 -3.30 5.65
CA SER A 397 -3.08 -2.49 4.90
C SER A 397 -3.79 -1.35 4.17
N GLU A 398 -3.11 -0.22 4.07
CA GLU A 398 -3.67 0.93 3.38
C GLU A 398 -3.79 0.73 1.87
N SER A 399 -3.22 -0.33 1.31
CA SER A 399 -3.39 -0.64 -0.11
C SER A 399 -4.17 -1.93 -0.33
N ALA A 400 -4.76 -2.51 0.72
CA ALA A 400 -5.58 -3.71 0.57
C ALA A 400 -6.78 -3.46 -0.34
N THR A 401 -7.37 -2.29 -0.25
CA THR A 401 -8.38 -1.81 -1.18
C THR A 401 -7.98 -0.39 -1.48
N PRO A 402 -8.69 0.29 -2.41
CA PRO A 402 -8.35 1.71 -2.67
C PRO A 402 -8.62 2.63 -1.50
N PHE A 403 -9.44 2.24 -0.53
CA PHE A 403 -9.63 3.08 0.65
C PHE A 403 -8.35 3.06 1.48
N PRO A 404 -7.68 4.20 1.68
CA PRO A 404 -6.34 4.19 2.29
C PRO A 404 -6.26 4.62 3.75
N TYR A 405 -7.35 5.10 4.34
CA TYR A 405 -7.23 5.80 5.63
C TYR A 405 -7.46 4.82 6.78
N ARG A 406 -6.41 4.04 7.04
CA ARG A 406 -6.37 3.04 8.10
C ARG A 406 -5.58 3.56 9.31
N ALA A 407 -4.47 2.91 9.65
CA ALA A 407 -3.68 3.29 10.83
C ALA A 407 -3.27 4.75 10.77
N GLY A 408 -3.33 5.40 11.93
CA GLY A 408 -3.11 6.82 12.04
C GLY A 408 -4.37 7.65 12.07
N ASN A 409 -5.53 7.06 11.77
CA ASN A 409 -6.80 7.78 11.72
C ASN A 409 -7.61 7.42 12.97
N LEU A 410 -7.98 8.44 13.72
CA LEU A 410 -8.76 8.24 14.92
C LEU A 410 -10.26 8.17 14.63
N TYR A 411 -10.77 9.06 13.80
CA TYR A 411 -12.20 9.05 13.54
C TYR A 411 -12.49 9.89 12.31
N ASN A 412 -13.71 9.74 11.83
CA ASN A 412 -14.22 10.52 10.71
C ASN A 412 -15.24 11.49 11.27
N ILE A 413 -15.16 12.75 10.83
CA ILE A 413 -16.14 13.74 11.22
C ILE A 413 -16.93 14.13 9.98
N HIS A 414 -18.26 14.12 10.11
CA HIS A 414 -19.21 14.27 9.01
C HIS A 414 -20.08 15.48 9.30
N TYR A 415 -20.08 16.46 8.39
CA TYR A 415 -20.88 17.66 8.54
C TYR A 415 -22.06 17.62 7.57
N LEU A 416 -23.25 18.02 8.02
CA LEU A 416 -24.42 18.00 7.14
C LEU A 416 -25.33 19.18 7.46
N VAL A 417 -25.87 19.78 6.41
CA VAL A 417 -26.93 20.77 6.50
C VAL A 417 -28.03 20.33 5.55
N GLY A 418 -29.27 20.32 6.04
CA GLY A 418 -30.39 19.87 5.26
C GLY A 418 -31.45 20.94 5.19
N TRP A 419 -32.35 20.79 4.20
CA TRP A 419 -33.49 21.68 4.07
C TRP A 419 -34.56 21.03 3.22
N GLU A 420 -35.73 21.67 3.18
CA GLU A 420 -36.85 21.18 2.38
C GLU A 420 -36.84 21.91 1.04
N GLU A 421 -36.96 21.15 -0.05
CA GLU A 421 -36.89 21.73 -1.39
C GLU A 421 -38.20 22.43 -1.69
N ASP A 422 -38.17 23.76 -1.78
CA ASP A 422 -39.35 24.52 -2.15
C ASP A 422 -39.06 25.38 -3.37
N ILE A 425 -35.70 30.54 -2.50
CA ILE A 425 -35.02 29.69 -3.49
C ILE A 425 -33.52 29.95 -3.42
N THR A 426 -33.17 31.03 -2.72
CA THR A 426 -31.80 31.35 -2.33
C THR A 426 -31.42 30.72 -1.00
N THR A 427 -32.38 30.07 -0.34
CA THR A 427 -32.07 29.33 0.89
C THR A 427 -30.96 28.32 0.63
N SER A 428 -31.00 27.68 -0.53
CA SER A 428 -30.00 26.66 -0.87
C SER A 428 -28.59 27.25 -0.84
N LYS A 429 -28.40 28.38 -1.53
CA LYS A 429 -27.08 29.00 -1.57
C LYS A 429 -26.59 29.39 -0.17
N LYS A 430 -27.49 29.88 0.68
CA LYS A 430 -27.10 30.22 2.05
C LYS A 430 -26.71 28.98 2.85
N HIS A 431 -27.39 27.85 2.61
CA HIS A 431 -27.04 26.62 3.33
C HIS A 431 -25.69 26.10 2.87
N VAL A 432 -25.47 26.05 1.55
CA VAL A 432 -24.19 25.59 1.04
C VAL A 432 -23.08 26.50 1.51
N ASN A 433 -23.30 27.82 1.47
CA ASN A 433 -22.27 28.76 1.93
C ASN A 433 -21.89 28.48 3.37
N TRP A 434 -22.89 28.29 4.25
CA TRP A 434 -22.58 28.05 5.65
C TRP A 434 -21.70 26.81 5.85
N ILE A 435 -22.00 25.71 5.16
CA ILE A 435 -21.25 24.50 5.45
C ILE A 435 -19.83 24.61 4.90
N ARG A 436 -19.64 25.36 3.81
CA ARG A 436 -18.27 25.56 3.32
C ARG A 436 -17.42 26.32 4.33
N LYS A 437 -17.99 27.32 5.00
CA LYS A 437 -17.18 28.09 5.93
C LYS A 437 -16.80 27.26 7.15
N LEU A 438 -17.72 26.38 7.59
CA LEU A 438 -17.36 25.44 8.64
C LEU A 438 -16.23 24.50 8.21
N TYR A 439 -16.31 23.98 6.98
CA TYR A 439 -15.22 23.19 6.42
C TYR A 439 -13.90 23.96 6.39
N ASN A 440 -13.93 25.19 5.89
CA ASN A 440 -12.73 26.02 5.87
C ASN A 440 -12.19 26.27 7.27
N TYR A 441 -13.08 26.47 8.24
CA TYR A 441 -12.63 26.64 9.62
C TYR A 441 -11.93 25.40 10.16
N MET A 442 -12.33 24.21 9.73
CA MET A 442 -11.75 23.00 10.30
C MET A 442 -10.40 22.67 9.71
N THR A 443 -10.04 23.27 8.57
CA THR A 443 -8.80 22.95 7.85
C THR A 443 -7.59 22.69 8.74
N PRO A 444 -7.24 23.53 9.72
CA PRO A 444 -6.00 23.29 10.47
C PRO A 444 -6.03 22.09 11.42
N TYR A 445 -7.21 21.54 11.75
CA TYR A 445 -7.31 20.53 12.79
C TYR A 445 -7.64 19.16 12.24
N VAL A 446 -7.80 19.06 10.93
CA VAL A 446 -8.09 17.77 10.33
C VAL A 446 -6.88 17.37 9.49
N SER A 447 -6.91 16.16 8.94
CA SER A 447 -5.74 15.69 8.21
C SER A 447 -5.51 16.55 6.97
N LYS A 448 -4.26 16.59 6.53
CA LYS A 448 -3.92 17.40 5.36
C LYS A 448 -2.79 16.74 4.59
N ASN A 449 -2.68 17.14 3.32
CA ASN A 449 -1.64 16.66 2.41
C ASN A 449 -1.66 15.14 2.22
N PRO A 450 -2.75 14.57 1.70
CA PRO A 450 -3.97 15.22 1.23
C PRO A 450 -5.01 15.43 2.35
N ARG A 451 -5.99 16.28 2.10
CA ARG A 451 -7.13 16.43 3.02
C ARG A 451 -8.04 15.22 2.81
N ALA A 452 -7.86 14.21 3.65
CA ALA A 452 -8.49 12.92 3.45
C ALA A 452 -10.01 13.03 3.39
N THR A 453 -10.62 12.34 2.40
CA THR A 453 -12.06 12.36 2.22
C THR A 453 -12.59 10.96 1.91
N TYR A 454 -13.67 10.59 2.58
CA TYR A 454 -14.32 9.29 2.36
C TYR A 454 -15.15 9.37 1.07
N LEU A 455 -14.85 8.46 0.12
CA LEU A 455 -15.49 8.52 -1.19
C LEU A 455 -17.01 8.37 -1.08
N ASN A 456 -17.50 7.55 -0.15
CA ASN A 456 -18.95 7.41 0.01
C ASN A 456 -19.61 8.67 0.55
N PHE A 457 -18.85 9.62 1.06
CA PHE A 457 -19.36 10.97 1.34
C PHE A 457 -18.92 11.91 0.22
N ARG A 458 -19.38 11.62 -0.99
CA ARG A 458 -18.88 12.32 -2.17
C ARG A 458 -19.09 13.83 -2.07
N ASP A 459 -18.12 14.58 -2.58
CA ASP A 459 -18.09 16.04 -2.46
C ASP A 459 -17.39 16.61 -3.68
N LEU A 460 -18.15 17.29 -4.56
CA LEU A 460 -17.56 17.83 -5.77
C LEU A 460 -16.69 19.06 -5.50
N ASP A 461 -16.91 19.73 -4.35
CA ASP A 461 -16.11 20.91 -4.01
C ASP A 461 -14.62 20.62 -3.91
N ILE A 462 -14.23 19.37 -3.65
CA ILE A 462 -12.80 19.07 -3.51
C ILE A 462 -12.12 18.95 -4.85
N GLY A 463 -12.86 19.10 -5.94
CA GLY A 463 -12.30 19.14 -7.28
C GLY A 463 -13.08 18.21 -8.19
N THR A 464 -13.09 18.55 -9.48
CA THR A 464 -13.71 17.76 -10.53
C THR A 464 -12.75 17.67 -11.71
N ASN A 465 -13.14 16.94 -12.74
CA ASN A 465 -12.30 16.69 -13.89
C ASN A 465 -12.40 17.83 -14.91
N ASN A 466 -11.46 17.85 -15.85
CA ASN A 466 -11.63 18.61 -17.08
C ASN A 466 -12.85 18.11 -17.83
N LYS A 467 -13.58 19.02 -18.46
CA LYS A 467 -14.78 18.65 -19.23
C LYS A 467 -14.62 18.95 -20.72
N THR A 470 -10.98 19.12 -25.27
CA THR A 470 -10.34 18.12 -24.41
C THR A 470 -8.82 18.22 -24.48
N THR A 471 -8.20 18.43 -23.32
CA THR A 471 -6.76 18.60 -23.20
C THR A 471 -6.05 17.24 -23.26
N SER A 472 -4.77 17.22 -22.89
CA SER A 472 -3.98 16.01 -22.92
C SER A 472 -4.38 15.07 -21.78
N SER A 473 -3.95 13.82 -21.88
CA SER A 473 -4.19 12.92 -20.76
C SER A 473 -3.33 13.32 -19.55
N TYR A 474 -2.11 13.82 -19.79
CA TYR A 474 -1.29 14.31 -18.69
C TYR A 474 -2.03 15.35 -17.84
N ASN A 475 -2.61 16.36 -18.51
CA ASN A 475 -3.36 17.39 -17.79
C ASN A 475 -4.60 16.81 -17.11
N ASN A 476 -5.28 15.87 -17.77
CA ASN A 476 -6.43 15.19 -17.15
C ASN A 476 -6.03 14.51 -15.85
N ILE A 477 -4.89 13.80 -15.86
CA ILE A 477 -4.46 13.06 -14.68
C ILE A 477 -4.00 14.02 -13.58
N ALA A 478 -3.26 15.07 -13.96
CA ALA A 478 -2.83 16.07 -12.98
C ALA A 478 -4.03 16.71 -12.29
N ARG A 479 -5.04 17.10 -13.07
CA ARG A 479 -6.24 17.70 -12.50
C ARG A 479 -7.03 16.69 -11.67
N ALA A 480 -7.20 15.48 -12.18
CA ALA A 480 -7.97 14.49 -11.42
C ALA A 480 -7.29 14.09 -10.13
N SER A 481 -5.96 14.22 -10.04
CA SER A 481 -5.27 13.87 -8.80
C SER A 481 -5.61 14.80 -7.64
N ILE A 482 -6.18 15.98 -7.93
CA ILE A 482 -6.56 16.89 -6.87
C ILE A 482 -7.64 16.26 -6.00
N TRP A 483 -8.74 15.84 -6.63
CA TRP A 483 -9.73 15.09 -5.87
C TRP A 483 -9.27 13.66 -5.62
N GLY A 484 -8.52 13.08 -6.55
CA GLY A 484 -8.20 11.66 -6.47
C GLY A 484 -7.33 11.28 -5.29
N THR A 485 -6.32 12.09 -4.97
CA THR A 485 -5.53 11.73 -3.80
C THR A 485 -6.23 12.08 -2.51
N LYS A 486 -7.25 12.94 -2.55
CA LYS A 486 -8.09 13.14 -1.38
C LYS A 486 -8.92 11.89 -1.06
N TYR A 487 -9.51 11.25 -2.07
CA TYR A 487 -10.25 10.00 -1.84
C TYR A 487 -9.33 8.81 -1.59
N PHE A 488 -8.18 8.75 -2.29
CA PHE A 488 -7.44 7.49 -2.40
C PHE A 488 -5.98 7.55 -1.95
N LYS A 489 -5.50 8.73 -1.54
CA LYS A 489 -4.10 8.97 -1.28
C LYS A 489 -3.24 8.33 -2.37
N ASP A 490 -2.29 7.48 -1.98
CA ASP A 490 -1.36 6.91 -2.95
C ASP A 490 -2.00 5.84 -3.83
N ASN A 491 -3.16 5.29 -3.46
CA ASN A 491 -3.79 4.28 -4.31
C ASN A 491 -4.31 4.86 -5.60
N PHE A 492 -4.35 6.19 -5.72
CA PHE A 492 -4.82 6.84 -6.93
C PHE A 492 -3.98 6.45 -8.15
N TYR A 493 -2.66 6.26 -7.97
CA TYR A 493 -1.84 6.01 -9.15
C TYR A 493 -2.07 4.61 -9.69
N LYS A 494 -2.28 3.64 -8.81
CA LYS A 494 -2.69 2.32 -9.30
C LYS A 494 -4.06 2.39 -9.98
N LEU A 495 -4.97 3.23 -9.47
CA LEU A 495 -6.29 3.37 -10.10
C LEU A 495 -6.18 3.87 -11.54
N VAL A 496 -5.28 4.83 -11.78
CA VAL A 496 -5.07 5.34 -13.14
C VAL A 496 -4.54 4.23 -14.05
N TYR A 497 -3.63 3.39 -13.54
CA TYR A 497 -3.16 2.25 -14.32
C TYR A 497 -4.31 1.31 -14.69
N VAL A 498 -5.13 0.93 -13.70
CA VAL A 498 -6.23 0.02 -13.99
C VAL A 498 -7.17 0.64 -15.02
N LYS A 499 -7.48 1.93 -14.85
CA LYS A 499 -8.33 2.60 -15.83
C LYS A 499 -7.70 2.57 -17.22
N THR A 500 -6.39 2.81 -17.31
CA THR A 500 -5.72 2.78 -18.60
C THR A 500 -5.86 1.42 -19.27
N ILE A 501 -5.78 0.34 -18.51
CA ILE A 501 -5.88 -1.00 -19.09
C ILE A 501 -7.32 -1.36 -19.47
N VAL A 502 -8.30 -1.08 -18.60
CA VAL A 502 -9.63 -1.65 -18.79
C VAL A 502 -10.61 -0.68 -19.47
N ASP A 503 -10.32 0.61 -19.51
CA ASP A 503 -11.21 1.52 -20.22
C ASP A 503 -10.39 2.61 -20.90
N PRO A 504 -9.51 2.24 -21.83
CA PRO A 504 -8.60 3.24 -22.42
C PRO A 504 -9.30 4.37 -23.17
N THR A 505 -10.44 4.11 -23.82
CA THR A 505 -11.18 5.18 -24.49
C THR A 505 -11.99 6.03 -23.52
N ASN A 506 -12.01 5.72 -22.23
CA ASN A 506 -12.71 6.54 -21.22
C ASN A 506 -14.24 6.59 -21.46
N PHE A 507 -14.84 5.49 -21.92
CA PHE A 507 -16.29 5.43 -22.02
C PHE A 507 -16.98 5.71 -20.68
N PHE A 508 -16.58 5.02 -19.61
CA PHE A 508 -17.25 5.18 -18.31
C PHE A 508 -16.65 6.38 -17.59
N ARG A 509 -17.38 7.50 -17.56
CA ARG A 509 -16.82 8.73 -17.00
C ARG A 509 -17.90 9.51 -16.28
N ASN A 510 -17.47 10.38 -15.37
CA ASN A 510 -18.37 11.31 -14.71
C ASN A 510 -17.51 12.45 -14.18
N GLU A 511 -18.10 13.34 -13.39
CA GLU A 511 -17.37 14.53 -12.96
C GLU A 511 -16.18 14.20 -12.08
N GLN A 512 -16.12 12.97 -11.54
CA GLN A 512 -15.02 12.54 -10.65
C GLN A 512 -14.64 11.10 -11.00
N SER A 513 -14.39 10.83 -12.26
CA SER A 513 -13.98 9.48 -12.63
C SER A 513 -12.48 9.46 -12.90
N ILE A 514 -11.87 8.31 -12.63
CA ILE A 514 -10.43 8.13 -12.91
C ILE A 514 -10.18 8.27 -14.41
N PRO A 515 -9.27 9.13 -14.85
CA PRO A 515 -8.97 9.23 -16.28
C PRO A 515 -7.88 8.24 -16.68
N PRO A 516 -7.85 7.82 -17.93
CA PRO A 516 -6.77 6.95 -18.40
C PRO A 516 -5.59 7.75 -18.95
N LEU A 517 -4.42 7.11 -18.96
CA LEU A 517 -3.33 7.65 -19.76
C LEU A 517 -3.52 7.24 -21.22
N ARG A 518 -3.30 8.17 -22.15
CA ARG A 518 -3.29 7.88 -23.58
C ARG A 518 -1.87 8.02 -24.13
N ARG A 519 -1.62 7.44 -25.30
CA ARG A 519 -0.31 7.62 -25.99
C ARG A 519 -0.10 9.01 -26.57
N TYR B 3 26.84 17.97 -29.09
CA TYR B 3 27.92 17.03 -29.39
C TYR B 3 28.57 16.50 -28.10
N ASN B 4 28.53 17.31 -27.04
CA ASN B 4 29.13 16.99 -25.74
C ASN B 4 30.66 17.01 -25.80
N ASN B 5 31.23 18.22 -25.71
CA ASN B 5 32.67 18.39 -25.71
C ASN B 5 33.22 17.98 -24.34
N HIS B 6 34.11 16.98 -24.32
CA HIS B 6 34.60 16.46 -23.06
C HIS B 6 35.60 17.39 -22.39
N GLU B 7 36.38 18.14 -23.17
CA GLU B 7 37.31 19.11 -22.58
C GLU B 7 36.57 20.25 -21.88
N HIS B 8 35.45 20.70 -22.45
CA HIS B 8 34.67 21.73 -21.78
C HIS B 8 34.03 21.20 -20.50
N PHE B 9 33.56 19.95 -20.52
CA PHE B 9 33.07 19.34 -19.30
C PHE B 9 34.15 19.37 -18.22
N LEU B 10 35.37 18.94 -18.56
CA LEU B 10 36.48 18.98 -17.62
C LEU B 10 36.75 20.40 -17.11
N GLN B 11 36.71 21.39 -18.01
CA GLN B 11 36.97 22.76 -17.57
C GLN B 11 35.88 23.25 -16.62
N CYS B 12 34.62 22.93 -16.91
CA CYS B 12 33.53 23.21 -15.98
C CYS B 12 33.80 22.62 -14.59
N LEU B 13 34.21 21.35 -14.55
CA LEU B 13 34.43 20.66 -13.28
C LEU B 13 35.55 21.31 -12.48
N THR B 14 36.70 21.55 -13.13
CA THR B 14 37.87 22.05 -12.39
C THR B 14 37.66 23.46 -11.89
N THR B 15 36.84 24.25 -12.59
CA THR B 15 36.56 25.62 -12.17
C THR B 15 35.62 25.66 -10.97
N ARG B 16 34.63 24.75 -10.95
CA ARG B 16 33.63 24.72 -9.89
C ARG B 16 34.06 23.87 -8.70
N ILE B 17 35.06 22.99 -8.89
CA ILE B 17 35.66 22.24 -7.79
C ILE B 17 37.05 22.80 -7.54
N SER B 18 37.15 23.76 -6.63
CA SER B 18 38.46 24.35 -6.33
C SER B 18 39.33 23.37 -5.56
N PRO B 25 42.97 15.59 -3.56
CA PRO B 25 42.70 15.10 -4.92
C PRO B 25 41.26 14.60 -5.06
N VAL B 26 40.44 15.35 -5.79
CA VAL B 26 39.02 15.05 -5.92
C VAL B 26 38.67 14.49 -7.30
N ILE B 27 39.45 14.81 -8.33
CA ILE B 27 39.11 14.50 -9.70
C ILE B 27 40.20 13.60 -10.26
N TYR B 28 39.81 12.41 -10.68
CA TYR B 28 40.72 11.42 -11.23
C TYR B 28 40.40 11.25 -12.70
N THR B 29 41.34 11.61 -13.55
CA THR B 29 41.19 11.49 -14.99
C THR B 29 41.91 10.24 -15.48
N HIS B 30 41.65 9.90 -16.75
CA HIS B 30 42.25 8.71 -17.35
C HIS B 30 43.78 8.78 -17.36
N ASP B 31 44.33 10.00 -17.38
CA ASP B 31 45.77 10.17 -17.33
C ASP B 31 46.32 9.90 -15.93
N ASP B 32 45.53 10.16 -14.89
CA ASP B 32 46.00 10.02 -13.52
C ASP B 32 46.30 8.55 -13.22
N PRO B 33 47.51 8.21 -12.78
CA PRO B 33 47.80 6.79 -12.52
C PRO B 33 46.86 6.15 -11.50
N SER B 34 46.50 6.87 -10.45
CA SER B 34 45.60 6.32 -9.45
C SER B 34 44.16 6.10 -9.95
N TYR B 35 43.83 6.54 -11.18
CA TYR B 35 42.48 6.38 -11.70
C TYR B 35 42.04 4.91 -11.69
N PHE B 36 42.93 3.99 -12.08
CA PHE B 36 42.56 2.59 -12.16
C PHE B 36 42.48 1.94 -10.79
N THR B 37 43.27 2.43 -9.82
CA THR B 37 43.17 1.94 -8.45
C THR B 37 41.84 2.36 -7.82
N VAL B 38 41.45 3.62 -7.99
CA VAL B 38 40.15 4.04 -7.49
C VAL B 38 39.04 3.24 -8.16
N LEU B 39 39.12 3.05 -9.48
CA LEU B 39 38.10 2.29 -10.20
C LEU B 39 38.00 0.85 -9.69
N ASN B 40 39.13 0.14 -9.62
CA ASN B 40 39.15 -1.30 -9.27
C ASN B 40 38.81 -1.57 -7.82
N SER B 41 39.12 -0.65 -6.91
CA SER B 41 39.07 -0.99 -5.48
C SER B 41 37.66 -1.32 -5.03
N SER B 42 36.65 -0.71 -5.62
CA SER B 42 35.29 -0.93 -5.16
C SER B 42 34.45 -1.67 -6.21
N ILE B 43 35.06 -2.58 -6.98
CA ILE B 43 34.34 -3.44 -7.91
C ILE B 43 34.29 -4.84 -7.32
N ASN B 44 33.08 -5.33 -7.03
CA ASN B 44 32.95 -6.64 -6.39
C ASN B 44 32.73 -7.79 -7.38
N ASN B 45 31.88 -7.62 -8.39
CA ASN B 45 31.70 -8.63 -9.42
C ASN B 45 32.76 -8.39 -10.52
N GLN B 46 33.77 -9.27 -10.58
CA GLN B 46 34.97 -9.07 -11.38
C GLN B 46 34.70 -9.05 -12.88
N ARG B 47 33.59 -9.63 -13.34
CA ARG B 47 33.09 -9.44 -14.70
C ARG B 47 33.36 -8.03 -15.20
N PHE B 48 33.01 -7.05 -14.38
CA PHE B 48 32.91 -5.67 -14.82
C PHE B 48 34.18 -4.88 -14.55
N SER B 49 35.28 -5.56 -14.20
CA SER B 49 36.59 -4.91 -14.05
C SER B 49 37.51 -5.17 -15.24
N SER B 50 37.10 -6.01 -16.19
CA SER B 50 37.88 -6.21 -17.39
C SER B 50 38.16 -4.86 -18.06
N PRO B 51 39.35 -4.68 -18.66
CA PRO B 51 39.56 -3.50 -19.52
C PRO B 51 38.54 -3.38 -20.65
N SER B 52 37.87 -4.49 -21.05
CA SER B 52 36.84 -4.51 -22.08
C SER B 52 35.51 -3.89 -21.64
N ALA B 53 35.35 -3.59 -20.37
CA ALA B 53 34.07 -3.07 -19.92
C ALA B 53 34.11 -1.54 -19.95
N PRO B 54 32.94 -0.88 -20.00
CA PRO B 54 32.95 0.59 -20.13
C PRO B 54 33.67 1.25 -18.96
N LYS B 55 34.18 2.45 -19.22
CA LYS B 55 35.04 3.16 -18.28
C LYS B 55 34.56 4.60 -18.15
N PRO B 56 34.53 5.13 -16.92
CA PRO B 56 34.10 6.52 -16.73
C PRO B 56 35.12 7.49 -17.32
N PHE B 57 34.59 8.56 -17.91
CA PHE B 57 35.46 9.62 -18.40
C PHE B 57 36.27 10.25 -17.27
N VAL B 58 35.66 10.38 -16.08
CA VAL B 58 36.35 10.87 -14.90
C VAL B 58 35.65 10.28 -13.67
N ILE B 59 36.39 10.18 -12.58
CA ILE B 59 35.86 9.72 -11.30
C ILE B 59 36.00 10.85 -10.29
N ILE B 60 34.91 11.18 -9.60
CA ILE B 60 34.88 12.23 -8.59
C ILE B 60 34.76 11.57 -7.23
N THR B 61 35.76 11.78 -6.35
CA THR B 61 35.68 11.31 -4.97
C THR B 61 35.40 12.48 -4.05
N PRO B 62 34.13 12.83 -3.82
CA PRO B 62 33.83 14.05 -3.05
C PRO B 62 34.17 13.91 -1.57
N PHE B 63 34.60 15.04 -0.98
CA PHE B 63 34.73 15.22 0.46
C PHE B 63 33.62 16.07 1.06
N HIS B 64 32.81 16.73 0.24
CA HIS B 64 31.85 17.71 0.73
C HIS B 64 30.66 17.70 -0.24
N ALA B 65 29.50 18.11 0.24
CA ALA B 65 28.31 18.10 -0.61
C ALA B 65 28.47 18.95 -1.85
N SER B 66 29.22 20.07 -1.76
CA SER B 66 29.32 20.96 -2.92
C SER B 66 30.06 20.29 -4.07
N HIS B 67 31.01 19.40 -3.77
CA HIS B 67 31.60 18.58 -4.82
C HIS B 67 30.54 17.84 -5.60
N VAL B 68 29.55 17.27 -4.90
CA VAL B 68 28.48 16.57 -5.60
C VAL B 68 27.62 17.57 -6.37
N GLN B 69 27.29 18.70 -5.73
CA GLN B 69 26.48 19.71 -6.41
C GLN B 69 27.14 20.18 -7.70
N ALA B 70 28.46 20.40 -7.67
CA ALA B 70 29.15 20.87 -8.86
C ALA B 70 29.15 19.82 -9.97
N THR B 71 29.34 18.55 -9.59
CA THR B 71 29.28 17.48 -10.57
C THR B 71 27.91 17.41 -11.23
N VAL B 72 26.84 17.52 -10.43
CA VAL B 72 25.50 17.44 -11.00
C VAL B 72 25.29 18.59 -12.00
N PHE B 73 25.70 19.80 -11.62
CA PHE B 73 25.53 20.96 -12.49
C PHE B 73 26.27 20.77 -13.82
N CYS B 74 27.56 20.42 -13.75
CA CYS B 74 28.34 20.29 -14.97
C CYS B 74 27.89 19.09 -15.82
N SER B 75 27.52 17.98 -15.18
CA SER B 75 27.09 16.80 -15.95
C SER B 75 25.80 17.06 -16.70
N LYS B 76 24.86 17.73 -16.05
CA LYS B 76 23.62 18.11 -16.71
C LYS B 76 23.89 19.06 -17.87
N LYS B 77 24.75 20.06 -17.64
CA LYS B 77 25.02 21.06 -18.67
C LYS B 77 25.74 20.44 -19.88
N HIS B 78 26.62 19.47 -19.67
CA HIS B 78 27.40 18.92 -20.78
C HIS B 78 26.96 17.52 -21.19
N GLY B 79 25.79 17.06 -20.74
CA GLY B 79 25.25 15.80 -21.21
C GLY B 79 26.02 14.57 -20.79
N MET B 80 26.62 14.57 -19.60
CA MET B 80 27.28 13.39 -19.05
C MET B 80 26.34 12.69 -18.08
N GLN B 81 26.36 11.37 -18.11
CA GLN B 81 25.56 10.59 -17.16
C GLN B 81 26.36 10.36 -15.89
N ILE B 82 25.68 10.40 -14.75
CA ILE B 82 26.31 10.13 -13.47
C ILE B 82 25.92 8.72 -13.01
N ARG B 83 26.91 8.00 -12.48
CA ARG B 83 26.68 6.75 -11.77
C ARG B 83 27.24 6.93 -10.36
N THR B 84 26.40 6.71 -9.36
CA THR B 84 26.80 6.87 -7.98
C THR B 84 27.28 5.54 -7.41
N ARG B 85 28.41 5.56 -6.71
CA ARG B 85 28.95 4.35 -6.12
C ARG B 85 29.20 4.54 -4.63
N SER B 86 28.66 3.63 -3.82
CA SER B 86 28.94 3.62 -2.39
C SER B 86 29.84 2.43 -2.06
N GLY B 87 29.32 1.20 -2.06
CA GLY B 87 30.16 0.07 -1.73
C GLY B 87 30.54 -0.77 -2.94
N GLY B 88 29.94 -0.50 -4.09
CA GLY B 88 30.27 -1.19 -5.33
C GLY B 88 29.84 -2.64 -5.39
N HIS B 89 28.84 -3.04 -4.60
CA HIS B 89 28.39 -4.43 -4.60
C HIS B 89 27.25 -4.72 -5.56
N ASP B 90 26.83 -3.76 -6.38
CA ASP B 90 25.73 -4.00 -7.30
C ASP B 90 26.00 -5.25 -8.13
N TYR B 91 25.03 -6.19 -8.10
CA TYR B 91 25.21 -7.48 -8.76
C TYR B 91 25.52 -7.33 -10.26
N GLU B 92 25.06 -6.25 -10.88
CA GLU B 92 25.27 -6.02 -12.30
C GLU B 92 26.17 -4.80 -12.57
N GLY B 93 26.88 -4.29 -11.57
CA GLY B 93 27.80 -3.20 -11.78
C GLY B 93 27.20 -1.86 -12.13
N LEU B 94 25.90 -1.65 -11.85
CA LEU B 94 25.22 -0.43 -12.29
C LEU B 94 25.80 0.83 -11.65
N SER B 95 26.56 0.69 -10.58
CA SER B 95 27.22 1.82 -9.95
C SER B 95 28.53 2.22 -10.63
N TYR B 96 28.97 1.52 -11.67
CA TYR B 96 30.25 1.92 -12.25
C TYR B 96 30.43 1.48 -13.70
N VAL B 97 29.35 1.08 -14.39
CA VAL B 97 29.37 0.85 -15.82
C VAL B 97 28.15 1.49 -16.46
N SER B 98 28.27 1.82 -17.72
CA SER B 98 27.18 2.43 -18.47
C SER B 98 27.51 2.25 -19.95
N SER B 99 26.49 2.35 -20.81
CA SER B 99 26.72 2.29 -22.25
C SER B 99 26.89 3.67 -22.91
N VAL B 100 26.74 4.77 -22.19
CA VAL B 100 27.02 6.09 -22.71
C VAL B 100 28.08 6.73 -21.84
N SER B 101 28.61 7.88 -22.28
CA SER B 101 29.68 8.56 -21.53
C SER B 101 29.21 9.00 -20.15
N PHE B 102 29.99 8.64 -19.13
CA PHE B 102 29.54 8.79 -17.76
C PHE B 102 30.70 9.15 -16.86
N VAL B 103 30.36 9.67 -15.67
CA VAL B 103 31.30 9.86 -14.57
C VAL B 103 30.77 9.07 -13.36
N ILE B 104 31.69 8.55 -12.56
CA ILE B 104 31.34 7.95 -11.28
C ILE B 104 31.47 9.00 -10.17
N ILE B 105 30.46 9.10 -9.33
CA ILE B 105 30.58 9.79 -8.05
C ILE B 105 30.81 8.69 -7.02
N ASP B 106 32.05 8.57 -6.54
CA ASP B 106 32.44 7.53 -5.61
C ASP B 106 32.47 8.11 -4.20
N LEU B 107 31.64 7.57 -3.30
CA LEU B 107 31.37 8.21 -2.02
C LEU B 107 32.26 7.71 -0.88
N ARG B 108 33.38 7.05 -1.18
CA ARG B 108 34.20 6.42 -0.14
C ARG B 108 34.66 7.39 0.94
N ASN B 109 34.80 8.68 0.62
CA ASN B 109 35.26 9.63 1.62
C ASN B 109 34.12 10.19 2.47
N LEU B 110 32.87 10.04 2.04
CA LEU B 110 31.74 10.47 2.82
C LEU B 110 31.27 9.30 3.67
N ASN B 111 32.02 9.04 4.74
CA ASN B 111 31.79 7.89 5.60
C ASN B 111 31.85 8.25 7.08
N LEU B 112 31.55 9.49 7.43
CA LEU B 112 31.46 9.84 8.85
C LEU B 112 30.21 9.22 9.47
N ILE B 113 30.36 8.73 10.69
CA ILE B 113 29.27 8.11 11.43
C ILE B 113 29.25 8.73 12.83
N ASN B 114 28.12 9.31 13.22
CA ASN B 114 27.97 9.84 14.56
C ASN B 114 26.81 9.13 15.24
N VAL B 115 27.13 8.30 16.25
CA VAL B 115 26.17 7.51 17.02
C VAL B 115 25.81 8.27 18.29
N ASP B 116 24.52 8.34 18.59
CA ASP B 116 24.01 8.95 19.83
C ASP B 116 23.26 7.88 20.63
N VAL B 117 23.83 7.45 21.76
CA VAL B 117 23.19 6.35 22.50
C VAL B 117 21.87 6.80 23.11
N GLU B 118 21.82 8.00 23.68
CA GLU B 118 20.63 8.45 24.42
C GLU B 118 19.38 8.49 23.54
N SER B 119 19.50 8.96 22.31
CA SER B 119 18.37 8.96 21.38
C SER B 119 18.28 7.70 20.54
N LYS B 120 19.21 6.75 20.71
CA LYS B 120 19.25 5.51 19.92
C LYS B 120 19.14 5.81 18.43
N SER B 121 19.95 6.76 17.96
CA SER B 121 19.95 7.14 16.56
C SER B 121 21.37 7.43 16.11
N ALA B 122 21.55 7.56 14.79
CA ALA B 122 22.87 7.80 14.24
C ALA B 122 22.73 8.42 12.85
N TRP B 123 23.54 9.45 12.60
CA TRP B 123 23.68 10.00 11.26
C TRP B 123 24.82 9.25 10.59
N VAL B 124 24.57 8.76 9.38
CA VAL B 124 25.54 7.93 8.67
C VAL B 124 25.69 8.47 7.25
N GLN B 125 26.89 8.94 6.92
CA GLN B 125 27.16 9.38 5.57
C GLN B 125 27.12 8.22 4.59
N ALA B 126 26.66 8.49 3.36
CA ALA B 126 26.20 7.40 2.53
C ALA B 126 27.32 6.54 1.97
N GLY B 127 28.57 6.93 2.14
CA GLY B 127 29.71 6.12 1.76
C GLY B 127 30.20 5.17 2.83
N ALA B 128 29.64 5.19 4.04
CA ALA B 128 30.10 4.22 5.02
C ALA B 128 29.72 2.81 4.59
N THR B 129 30.46 1.83 5.08
CA THR B 129 30.08 0.44 4.88
C THR B 129 29.33 -0.10 6.10
N ILE B 130 28.65 -1.22 5.89
CA ILE B 130 27.94 -1.89 6.96
C ILE B 130 28.88 -2.22 8.11
N GLY B 131 30.10 -2.65 7.78
CA GLY B 131 31.07 -2.99 8.83
C GLY B 131 31.46 -1.78 9.67
N GLU B 132 31.72 -0.64 9.02
CA GLU B 132 32.05 0.58 9.74
C GLU B 132 30.89 0.98 10.65
N LEU B 133 29.66 0.83 10.16
CA LEU B 133 28.50 1.12 10.97
C LEU B 133 28.42 0.20 12.20
N TYR B 134 28.53 -1.12 12.01
CA TYR B 134 28.43 -2.01 13.18
C TYR B 134 29.55 -1.76 14.19
N TYR B 135 30.75 -1.39 13.71
CA TYR B 135 31.85 -1.07 14.61
C TYR B 135 31.56 0.18 15.43
N ARG B 136 31.01 1.22 14.78
CA ARG B 136 30.80 2.48 15.51
C ARG B 136 29.70 2.34 16.54
N ILE B 137 28.73 1.46 16.29
CA ILE B 137 27.69 1.18 17.29
C ILE B 137 28.29 0.44 18.48
N ALA B 138 29.03 -0.63 18.20
CA ALA B 138 29.63 -1.42 19.27
C ALA B 138 30.57 -0.58 20.11
N GLU B 139 31.29 0.37 19.49
CA GLU B 139 32.23 1.22 20.18
C GLU B 139 31.58 2.06 21.28
N LYS B 140 30.27 2.29 21.20
CA LYS B 140 29.55 3.09 22.18
C LYS B 140 28.55 2.30 23.02
N SER B 141 28.14 1.10 22.59
CA SER B 141 27.12 0.36 23.30
C SER B 141 27.07 -1.08 22.82
N GLU B 142 27.01 -2.04 23.74
CA GLU B 142 26.87 -3.43 23.32
C GLU B 142 25.42 -3.87 23.25
N ASN B 143 24.47 -2.98 23.55
CA ASN B 143 23.06 -3.32 23.57
C ASN B 143 22.26 -2.59 22.49
N LEU B 144 22.94 -1.92 21.57
CA LEU B 144 22.31 -1.31 20.42
C LEU B 144 22.80 -2.03 19.16
N ALA B 145 21.94 -2.03 18.13
CA ALA B 145 22.27 -2.70 16.89
C ALA B 145 21.56 -1.97 15.76
N PHE B 146 21.78 -2.42 14.54
CA PHE B 146 21.01 -1.87 13.43
C PHE B 146 20.74 -3.01 12.46
N PRO B 147 19.50 -3.17 11.99
CA PRO B 147 19.19 -4.30 11.10
C PRO B 147 19.71 -4.09 9.68
N ALA B 148 20.83 -4.71 9.32
CA ALA B 148 21.30 -4.66 7.94
C ALA B 148 21.87 -6.03 7.62
N GLY B 149 22.61 -6.12 6.53
CA GLY B 149 23.12 -7.40 6.08
C GLY B 149 24.37 -7.78 6.85
N ASP B 150 24.98 -8.89 6.44
CA ASP B 150 26.16 -9.36 7.14
C ASP B 150 27.46 -9.15 6.38
N CYS B 151 27.41 -8.77 5.11
CA CYS B 151 28.64 -8.53 4.37
C CYS B 151 29.27 -7.20 4.78
N PRO B 152 30.43 -7.18 5.44
CA PRO B 152 30.92 -5.92 6.04
C PRO B 152 31.39 -4.87 5.02
N GLY B 153 31.71 -5.26 3.78
CA GLY B 153 32.12 -4.38 2.71
C GLY B 153 31.01 -3.72 1.92
N VAL B 154 29.76 -4.06 2.20
CA VAL B 154 28.64 -3.49 1.48
C VAL B 154 28.42 -2.04 1.91
N GLY B 155 28.13 -1.17 0.95
CA GLY B 155 27.92 0.22 1.25
C GLY B 155 26.50 0.46 1.77
N ILE B 156 26.40 1.39 2.71
CA ILE B 156 25.10 1.71 3.31
C ILE B 156 24.20 2.43 2.32
N GLY B 157 24.78 3.14 1.34
CA GLY B 157 23.95 3.83 0.37
C GLY B 157 23.11 2.88 -0.46
N GLY B 158 23.75 1.84 -1.00
CA GLY B 158 23.03 0.88 -1.81
C GLY B 158 22.20 -0.12 -1.04
N GLN B 159 22.60 -0.46 0.19
CA GLN B 159 21.87 -1.53 0.84
C GLN B 159 20.52 -1.03 1.34
N ILE B 160 20.51 0.16 1.96
CA ILE B 160 19.26 0.77 2.35
C ILE B 160 18.46 1.16 1.11
N GLY B 161 19.13 1.69 0.09
CA GLY B 161 18.42 2.11 -1.10
C GLY B 161 17.59 1.01 -1.74
N GLY B 162 17.94 -0.24 -1.52
CA GLY B 162 17.13 -1.34 -1.99
C GLY B 162 16.44 -2.17 -0.93
N GLY B 163 16.53 -1.77 0.35
CA GLY B 163 15.85 -2.48 1.41
C GLY B 163 16.75 -2.85 2.58
N GLY B 164 17.44 -4.00 2.48
CA GLY B 164 18.45 -4.36 3.47
C GLY B 164 18.03 -5.41 4.49
N TYR B 165 18.32 -6.67 4.19
CA TYR B 165 17.88 -7.82 4.93
C TYR B 165 19.03 -8.41 5.73
N GLY B 166 18.72 -8.94 6.90
CA GLY B 166 19.74 -9.63 7.69
C GLY B 166 19.12 -10.43 8.81
N TYR B 167 19.99 -10.85 9.74
CA TYR B 167 19.54 -11.67 10.86
C TYR B 167 18.52 -10.98 11.76
N LEU B 168 18.47 -9.65 11.73
CA LEU B 168 17.48 -8.96 12.56
C LEU B 168 16.19 -8.65 11.81
N ALA B 169 16.07 -9.05 10.53
CA ALA B 169 14.88 -8.69 9.75
C ALA B 169 13.59 -9.27 10.34
N ARG B 170 13.62 -10.50 10.82
CA ARG B 170 12.42 -11.08 11.41
C ARG B 170 12.03 -10.42 12.73
N LYS B 171 12.92 -9.61 13.32
CA LYS B 171 12.63 -8.91 14.57
C LYS B 171 12.28 -7.45 14.34
N TYR B 172 12.93 -6.78 13.39
CA TYR B 172 12.78 -5.34 13.22
C TYR B 172 12.53 -4.89 11.79
N GLY B 173 12.41 -5.82 10.84
CA GLY B 173 12.21 -5.43 9.46
C GLY B 173 13.53 -5.15 8.77
N LEU B 174 13.45 -4.58 7.58
CA LEU B 174 14.60 -4.23 6.76
C LEU B 174 15.25 -2.93 7.23
N ALA B 175 16.50 -2.74 6.82
CA ALA B 175 17.19 -1.47 7.10
C ALA B 175 16.34 -0.28 6.68
N ALA B 176 15.73 -0.37 5.49
CA ALA B 176 14.84 0.67 4.99
C ALA B 176 13.69 0.95 5.94
N ASP B 177 13.26 -0.04 6.73
CA ASP B 177 12.19 0.18 7.71
C ASP B 177 12.65 0.92 8.96
N ASN B 178 13.93 1.26 9.09
CA ASN B 178 14.48 1.83 10.32
C ASN B 178 15.30 3.09 10.04
N VAL B 179 14.83 3.90 9.09
CA VAL B 179 15.45 5.16 8.71
C VAL B 179 14.54 6.29 9.18
N LEU B 180 15.11 7.25 9.91
CA LEU B 180 14.36 8.39 10.45
C LEU B 180 14.43 9.63 9.57
N ASP B 181 15.55 9.86 8.88
CA ASP B 181 15.72 11.03 8.01
C ASP B 181 16.80 10.72 6.97
N ALA B 182 17.07 11.67 6.08
CA ALA B 182 18.10 11.47 5.06
C ALA B 182 18.42 12.82 4.44
N GLU B 183 19.64 12.93 3.91
CA GLU B 183 20.04 14.09 3.10
C GLU B 183 20.31 13.63 1.68
N VAL B 184 19.69 14.31 0.71
CA VAL B 184 19.79 13.92 -0.68
C VAL B 184 20.06 15.16 -1.53
N ILE B 185 20.63 14.95 -2.71
CA ILE B 185 20.80 16.00 -3.71
C ILE B 185 19.95 15.65 -4.91
N ASP B 186 19.08 16.56 -5.33
CA ASP B 186 18.21 16.30 -6.46
C ASP B 186 18.80 16.92 -7.74
N VAL B 187 18.06 16.83 -8.84
CA VAL B 187 18.59 17.20 -10.14
C VAL B 187 18.81 18.70 -10.26
N LYS B 188 18.15 19.50 -9.43
CA LYS B 188 18.36 20.93 -9.42
C LYS B 188 19.58 21.34 -8.59
N GLY B 189 20.32 20.37 -8.04
CA GLY B 189 21.46 20.68 -7.19
C GLY B 189 21.15 20.90 -5.72
N ARG B 190 19.89 20.90 -5.32
CA ARG B 190 19.53 21.32 -3.97
C ARG B 190 19.80 20.22 -2.96
N ILE B 191 20.21 20.61 -1.76
CA ILE B 191 20.33 19.66 -0.65
C ILE B 191 19.01 19.62 0.08
N LEU B 192 18.39 18.45 0.13
CA LEU B 192 17.10 18.27 0.78
C LEU B 192 17.23 17.25 1.91
N ASP B 193 16.40 17.43 2.93
CA ASP B 193 16.23 16.37 3.92
C ASP B 193 14.76 15.97 3.89
N ARG B 194 14.35 15.18 4.88
CA ARG B 194 13.03 14.54 4.82
C ARG B 194 11.90 15.55 4.71
N LYS B 195 11.90 16.58 5.58
CA LYS B 195 10.83 17.54 5.56
C LYS B 195 10.81 18.35 4.25
N SER B 196 11.97 18.72 3.72
CA SER B 196 12.01 19.51 2.48
C SER B 196 11.99 18.65 1.21
N MET B 197 12.35 17.37 1.29
CA MET B 197 12.18 16.52 0.12
C MET B 197 10.75 16.01 0.00
N GLY B 198 9.97 16.04 1.08
CA GLY B 198 8.62 15.52 1.02
C GLY B 198 8.57 14.04 1.34
N GLU B 199 7.43 13.60 1.87
CA GLU B 199 7.27 12.20 2.25
C GLU B 199 7.35 11.26 1.05
N ASP B 200 6.90 11.69 -0.13
CA ASP B 200 6.89 10.83 -1.31
C ASP B 200 8.30 10.43 -1.72
N LEU B 201 9.19 11.42 -1.92
CA LEU B 201 10.57 11.10 -2.24
C LEU B 201 11.25 10.33 -1.09
N PHE B 202 10.98 10.73 0.15
CA PHE B 202 11.55 10.02 1.30
C PHE B 202 11.12 8.55 1.30
N TRP B 203 9.89 8.27 0.88
CA TRP B 203 9.45 6.89 0.71
C TRP B 203 10.27 6.22 -0.40
N ALA B 204 10.37 6.87 -1.56
CA ALA B 204 10.93 6.22 -2.74
C ALA B 204 12.38 5.82 -2.54
N ILE B 205 13.16 6.59 -1.77
CA ILE B 205 14.58 6.27 -1.65
C ILE B 205 14.86 5.14 -0.67
N ARG B 206 13.85 4.71 0.10
CA ARG B 206 14.04 3.66 1.09
C ARG B 206 13.55 2.32 0.54
N GLY B 207 14.26 1.82 -0.46
CA GLY B 207 13.96 0.54 -1.09
C GLY B 207 13.51 0.66 -2.52
N GLY B 208 13.38 1.87 -3.04
CA GLY B 208 13.01 2.07 -4.42
C GLY B 208 14.14 2.24 -5.40
N GLY B 209 15.40 2.18 -4.94
CA GLY B 209 16.52 2.42 -5.81
C GLY B 209 16.76 3.91 -6.01
N PRO B 210 17.52 4.54 -5.11
CA PRO B 210 17.67 6.01 -5.16
C PRO B 210 18.41 6.52 -6.37
N ALA B 211 19.20 5.69 -7.07
CA ALA B 211 19.84 6.12 -8.32
C ALA B 211 18.82 6.65 -9.33
N SER B 212 17.60 6.15 -9.29
CA SER B 212 16.55 6.68 -10.15
C SER B 212 16.13 8.12 -9.80
N PHE B 213 16.50 8.62 -8.64
CA PHE B 213 15.91 9.84 -8.13
C PHE B 213 16.91 10.91 -7.77
N GLY B 214 18.11 10.53 -7.33
CA GLY B 214 19.10 11.53 -6.94
C GLY B 214 20.30 10.88 -6.30
N ILE B 215 20.97 11.64 -5.44
CA ILE B 215 22.15 11.15 -4.77
C ILE B 215 21.97 11.33 -3.28
N VAL B 216 21.92 10.22 -2.56
CA VAL B 216 21.79 10.26 -1.11
C VAL B 216 23.14 10.50 -0.49
N LEU B 217 23.21 11.50 0.38
CA LEU B 217 24.44 11.90 1.06
C LEU B 217 24.58 11.27 2.44
N SER B 218 23.47 11.02 3.12
CA SER B 218 23.52 10.48 4.47
C SER B 218 22.15 9.95 4.86
N TRP B 219 22.13 9.03 5.81
CA TRP B 219 20.92 8.52 6.41
C TRP B 219 20.93 8.81 7.91
N LYS B 220 19.77 9.07 8.47
CA LYS B 220 19.63 9.05 9.93
C LYS B 220 18.91 7.75 10.32
N LEU B 221 19.55 6.94 11.15
CA LEU B 221 19.10 5.58 11.41
C LEU B 221 18.54 5.43 12.82
N GLN B 222 17.47 4.63 12.94
CA GLN B 222 16.97 4.22 14.24
C GLN B 222 17.77 3.03 14.74
N LEU B 223 18.47 3.20 15.87
CA LEU B 223 19.14 2.05 16.47
C LEU B 223 18.14 1.25 17.29
N VAL B 224 18.37 -0.07 17.38
CA VAL B 224 17.45 -1.01 18.02
C VAL B 224 18.15 -1.82 19.09
N PRO B 225 17.45 -2.25 20.14
CA PRO B 225 18.14 -2.95 21.23
C PRO B 225 18.41 -4.41 20.93
N VAL B 226 19.48 -4.92 21.52
CA VAL B 226 19.81 -6.35 21.51
C VAL B 226 20.36 -6.73 22.86
N PRO B 227 20.18 -8.00 23.23
CA PRO B 227 20.74 -8.46 24.51
C PRO B 227 22.26 -8.53 24.45
N SER B 228 22.85 -8.49 25.64
CA SER B 228 24.31 -8.54 25.78
C SER B 228 24.90 -9.85 25.30
N ILE B 229 24.16 -10.94 25.40
CA ILE B 229 24.62 -12.23 24.93
C ILE B 229 23.67 -12.73 23.85
N VAL B 230 24.22 -13.07 22.69
CA VAL B 230 23.46 -13.75 21.64
C VAL B 230 24.23 -15.00 21.26
N THR B 231 23.57 -15.88 20.50
CA THR B 231 24.10 -17.19 20.13
C THR B 231 24.08 -17.36 18.62
N VAL B 232 25.12 -18.00 18.10
CA VAL B 232 25.27 -18.28 16.67
C VAL B 232 25.62 -19.74 16.50
N PHE B 233 25.32 -20.26 15.31
CA PHE B 233 25.87 -21.55 14.92
C PHE B 233 26.04 -21.59 13.40
N ASP B 234 26.84 -22.55 12.95
CA ASP B 234 27.12 -22.76 11.52
C ASP B 234 27.52 -24.23 11.37
N VAL B 235 26.54 -25.06 11.04
CA VAL B 235 26.71 -26.50 11.03
C VAL B 235 26.56 -27.01 9.60
N SER B 236 27.30 -28.07 9.29
CA SER B 236 27.17 -28.78 8.03
C SER B 236 26.44 -30.10 8.22
N ARG B 237 25.65 -30.46 7.22
CA ARG B 237 24.90 -31.71 7.24
C ARG B 237 24.92 -32.30 5.83
N HIS B 238 24.63 -33.60 5.76
CA HIS B 238 24.70 -34.34 4.50
C HIS B 238 23.28 -34.54 3.98
N MET B 239 23.02 -33.99 2.81
CA MET B 239 21.69 -34.04 2.23
C MET B 239 21.24 -35.45 1.87
N GLU B 240 22.16 -36.44 1.87
CA GLU B 240 21.76 -37.82 1.66
C GLU B 240 21.14 -38.46 2.91
N ASP B 241 21.32 -37.86 4.10
CA ASP B 241 20.71 -38.41 5.31
C ASP B 241 19.24 -38.01 5.37
N ASP B 242 18.39 -39.00 5.66
CA ASP B 242 16.95 -38.75 5.70
C ASP B 242 16.58 -37.70 6.75
N THR B 243 17.32 -37.62 7.86
CA THR B 243 16.97 -36.62 8.86
C THR B 243 17.21 -35.22 8.31
N THR B 244 18.27 -35.04 7.51
CA THR B 244 18.53 -33.73 6.93
C THR B 244 17.45 -33.37 5.93
N LYS B 245 17.03 -34.35 5.12
CA LYS B 245 15.91 -34.13 4.20
C LYS B 245 14.68 -33.70 4.99
N LYS B 246 14.43 -34.34 6.11
CA LYS B 246 13.25 -33.99 6.87
C LYS B 246 13.42 -32.67 7.59
N PHE B 247 14.66 -32.28 7.92
CA PHE B 247 14.85 -30.94 8.47
C PHE B 247 14.51 -29.86 7.44
N VAL B 248 14.95 -30.03 6.19
CA VAL B 248 14.65 -29.03 5.16
C VAL B 248 13.13 -28.94 4.92
N HIS B 249 12.44 -30.08 4.95
CA HIS B 249 10.97 -30.10 4.91
C HIS B 249 10.34 -29.24 6.02
N GLN B 250 10.85 -29.35 7.25
CA GLN B 250 10.29 -28.54 8.34
C GLN B 250 10.71 -27.07 8.24
N TRP B 251 11.97 -26.81 7.89
CA TRP B 251 12.43 -25.43 7.67
C TRP B 251 11.50 -24.68 6.72
N GLN B 252 11.12 -25.32 5.61
CA GLN B 252 10.22 -24.68 4.64
C GLN B 252 8.89 -24.28 5.26
N ARG B 253 8.41 -25.04 6.24
CA ARG B 253 7.11 -24.78 6.83
C ARG B 253 7.19 -24.01 8.14
N ARG B 254 8.37 -23.90 8.75
CA ARG B 254 8.46 -23.36 10.10
C ARG B 254 9.48 -22.23 10.27
N ALA B 255 10.48 -22.10 9.39
CA ALA B 255 11.54 -21.13 9.66
C ALA B 255 11.00 -19.71 9.73
N ASP B 256 9.87 -19.45 9.07
CA ASP B 256 9.25 -18.14 9.08
C ASP B 256 8.22 -17.97 10.18
N LYS B 257 7.92 -19.03 10.93
CA LYS B 257 6.90 -19.06 11.97
C LYS B 257 7.45 -19.03 13.39
N VAL B 258 8.69 -19.47 13.60
CA VAL B 258 9.25 -19.62 14.94
C VAL B 258 9.49 -18.25 15.55
N ASP B 259 9.81 -18.24 16.84
CA ASP B 259 10.28 -17.06 17.58
C ASP B 259 11.05 -16.06 16.70
N GLU B 260 10.56 -14.82 16.67
CA GLU B 260 11.18 -13.75 15.88
C GLU B 260 12.66 -13.53 16.22
N ASP B 261 13.16 -14.05 17.34
CA ASP B 261 14.58 -13.90 17.69
C ASP B 261 15.48 -14.89 16.97
N LEU B 262 14.94 -15.87 16.25
CA LEU B 262 15.73 -16.92 15.60
C LEU B 262 15.67 -16.80 14.08
N SER B 263 16.83 -16.61 13.45
CA SER B 263 16.91 -16.61 12.00
C SER B 263 17.90 -17.68 11.59
N ILE B 264 17.46 -18.63 10.77
CA ILE B 264 18.30 -19.71 10.27
C ILE B 264 18.36 -19.63 8.75
N TYR B 265 19.55 -19.39 8.21
CA TYR B 265 19.78 -19.42 6.77
C TYR B 265 20.23 -20.81 6.33
N GLY B 266 19.94 -21.14 5.08
CA GLY B 266 20.38 -22.39 4.49
C GLY B 266 21.27 -22.15 3.28
N ARG B 267 22.22 -23.06 3.07
CA ARG B 267 23.02 -23.04 1.86
C ARG B 267 23.26 -24.46 1.39
N PHE B 268 23.03 -24.70 0.10
CA PHE B 268 23.29 -25.98 -0.53
C PHE B 268 24.35 -25.81 -1.61
N GLN B 269 25.21 -26.82 -1.71
CA GLN B 269 26.29 -26.88 -2.68
C GLN B 269 26.76 -28.32 -2.82
N THR B 270 27.40 -28.63 -3.93
CA THR B 270 27.98 -29.96 -4.10
C THR B 270 29.49 -29.94 -3.85
N GLU B 271 30.02 -31.10 -3.45
CA GLU B 271 31.45 -31.26 -3.20
C GLU B 271 31.92 -32.62 -3.67
N SER B 272 33.17 -32.68 -4.12
CA SER B 272 33.77 -33.92 -4.61
C SER B 272 34.30 -34.75 -3.45
N SER B 273 34.12 -36.06 -3.56
CA SER B 273 34.76 -37.00 -2.63
C SER B 273 36.20 -37.29 -3.05
N GLY B 278 36.25 -46.83 -4.18
CA GLY B 278 36.90 -45.60 -3.74
C GLY B 278 37.09 -44.57 -4.84
N ASN B 279 36.18 -44.55 -5.80
CA ASN B 279 36.21 -43.60 -6.91
C ASN B 279 35.43 -42.33 -6.58
N LYS B 280 35.63 -41.30 -7.39
CA LYS B 280 35.07 -39.99 -7.08
C LYS B 280 33.54 -40.03 -7.14
N LYS B 281 32.90 -39.41 -6.15
CA LYS B 281 31.47 -39.22 -6.15
C LYS B 281 31.16 -37.80 -5.70
N ILE B 282 30.02 -37.30 -6.16
CA ILE B 282 29.55 -35.95 -5.86
C ILE B 282 28.40 -36.04 -4.87
N VAL B 283 28.48 -35.27 -3.80
CA VAL B 283 27.42 -35.21 -2.79
C VAL B 283 26.99 -33.76 -2.59
N VAL B 284 25.82 -33.60 -1.99
CA VAL B 284 25.23 -32.30 -1.72
C VAL B 284 25.45 -31.96 -0.25
N ARG B 285 26.19 -30.88 0.00
CA ARG B 285 26.38 -30.39 1.37
C ARG B 285 25.30 -29.36 1.68
N ALA B 286 24.62 -29.54 2.81
CA ALA B 286 23.65 -28.56 3.27
C ALA B 286 24.18 -27.93 4.55
N SER B 287 24.32 -26.61 4.54
CA SER B 287 24.86 -25.86 5.66
C SER B 287 23.79 -24.94 6.24
N PHE B 288 23.80 -24.80 7.55
CA PHE B 288 22.81 -23.97 8.24
C PHE B 288 23.51 -23.08 9.24
N ARG B 289 23.36 -21.76 9.04
CA ARG B 289 23.99 -20.74 9.87
C ARG B 289 22.89 -19.89 10.51
N ALA B 290 23.06 -19.54 11.78
CA ALA B 290 21.98 -18.87 12.48
C ALA B 290 22.53 -17.85 13.47
N THR B 291 21.71 -16.85 13.75
CA THR B 291 21.85 -16.03 14.95
C THR B 291 20.55 -16.19 15.72
N PHE B 292 20.68 -16.49 17.01
CA PHE B 292 19.57 -16.43 17.94
C PHE B 292 19.83 -15.27 18.91
N HIS B 293 18.94 -14.30 18.92
CA HIS B 293 19.14 -13.10 19.74
C HIS B 293 18.66 -13.39 21.16
N GLY B 294 19.49 -14.18 21.85
CA GLY B 294 19.13 -14.73 23.15
C GLY B 294 20.18 -15.73 23.58
N GLY B 295 19.92 -16.35 24.73
CA GLY B 295 20.88 -17.25 25.32
C GLY B 295 20.81 -18.64 24.73
N VAL B 296 21.82 -19.45 25.04
CA VAL B 296 21.93 -20.74 24.38
C VAL B 296 20.96 -21.77 24.96
N ASP B 297 20.60 -21.64 26.25
CA ASP B 297 19.64 -22.58 26.83
C ASP B 297 18.27 -22.44 26.19
N ARG B 298 17.80 -21.20 26.00
CA ARG B 298 16.53 -21.01 25.31
C ARG B 298 16.59 -21.46 23.85
N LEU B 299 17.76 -21.33 23.20
CA LEU B 299 17.90 -21.78 21.82
C LEU B 299 17.74 -23.29 21.72
N LEU B 300 18.38 -24.06 22.60
CA LEU B 300 18.31 -25.51 22.50
C LEU B 300 16.91 -26.01 22.83
N GLN B 301 16.24 -25.38 23.79
CA GLN B 301 14.86 -25.73 24.04
C GLN B 301 14.00 -25.47 22.81
N LEU B 302 14.21 -24.33 22.15
CA LEU B 302 13.46 -24.00 20.97
C LEU B 302 13.75 -24.99 19.83
N MET B 303 15.04 -25.26 19.59
CA MET B 303 15.45 -26.18 18.54
C MET B 303 14.90 -27.59 18.79
N GLN B 304 14.89 -28.03 20.07
CA GLN B 304 14.34 -29.34 20.37
C GLN B 304 12.86 -29.39 20.02
N LYS B 305 12.12 -28.34 20.36
CA LYS B 305 10.70 -28.31 20.05
C LYS B 305 10.46 -28.24 18.55
N GLU B 306 11.17 -27.37 17.85
CA GLU B 306 10.79 -26.99 16.50
C GLU B 306 11.55 -27.74 15.41
N PHE B 307 12.83 -28.00 15.63
CA PHE B 307 13.69 -28.61 14.63
C PHE B 307 14.55 -29.71 15.23
N PRO B 308 13.98 -30.69 15.93
CA PRO B 308 14.80 -31.81 16.40
C PRO B 308 15.52 -32.51 15.26
N GLU B 309 14.99 -32.41 14.03
CA GLU B 309 15.61 -33.03 12.87
C GLU B 309 17.02 -32.53 12.60
N LEU B 310 17.36 -31.31 13.04
CA LEU B 310 18.71 -30.81 12.77
C LEU B 310 19.75 -31.44 13.70
N GLY B 311 19.32 -31.94 14.86
CA GLY B 311 20.24 -32.55 15.79
C GLY B 311 21.31 -31.59 16.26
N LEU B 312 20.94 -30.34 16.51
CA LEU B 312 21.88 -29.31 16.94
C LEU B 312 22.43 -29.61 18.34
N LEU B 313 23.75 -29.54 18.48
CA LEU B 313 24.46 -29.85 19.72
C LEU B 313 24.91 -28.58 20.43
N ARG B 314 24.86 -28.63 21.76
CA ARG B 314 25.33 -27.52 22.60
C ARG B 314 26.71 -27.06 22.18
N GLN B 315 27.57 -28.02 21.82
CA GLN B 315 28.93 -27.71 21.38
C GLN B 315 28.98 -27.00 20.05
N GLU B 316 27.91 -27.06 19.25
CA GLU B 316 27.88 -26.30 18.01
C GLU B 316 27.45 -24.84 18.22
N CYS B 317 27.01 -24.44 19.41
CA CYS B 317 26.55 -23.09 19.64
C CYS B 317 27.63 -22.26 20.34
N HIS B 318 27.65 -20.96 20.03
CA HIS B 318 28.62 -20.03 20.60
C HIS B 318 27.91 -18.77 21.04
N GLU B 319 28.06 -18.41 22.31
CA GLU B 319 27.52 -17.15 22.82
C GLU B 319 28.57 -16.06 22.71
N MET B 320 28.15 -14.86 22.34
CA MET B 320 29.04 -13.71 22.18
C MET B 320 28.16 -12.47 22.15
N LYS B 321 28.80 -11.32 22.03
CA LYS B 321 28.04 -10.09 21.89
C LYS B 321 27.52 -9.94 20.46
N TRP B 322 26.56 -9.04 20.29
CA TRP B 322 25.91 -8.93 18.98
C TRP B 322 26.91 -8.56 17.90
N ALA B 323 27.75 -7.54 18.13
CA ALA B 323 28.69 -7.13 17.10
C ALA B 323 29.70 -8.22 16.77
N GLU B 324 29.98 -9.13 17.70
CA GLU B 324 30.94 -10.20 17.42
C GLU B 324 30.38 -11.30 16.54
N THR B 325 29.05 -11.36 16.35
CA THR B 325 28.51 -12.35 15.42
C THR B 325 28.94 -12.06 13.99
N PHE B 326 29.24 -10.80 13.65
CA PHE B 326 29.73 -10.51 12.31
C PHE B 326 31.18 -10.92 12.12
N LEU B 327 31.93 -11.11 13.20
CA LEU B 327 33.19 -11.81 13.05
C LEU B 327 32.95 -13.29 12.78
N PHE B 328 32.06 -13.90 13.56
CA PHE B 328 31.81 -15.32 13.42
C PHE B 328 31.24 -15.65 12.03
N HIS B 329 30.24 -14.89 11.57
CA HIS B 329 29.62 -15.24 10.30
C HIS B 329 30.45 -14.84 9.10
N ASN B 330 31.56 -14.13 9.28
CA ASN B 330 32.49 -13.85 8.21
C ASN B 330 33.80 -14.60 8.38
N ASN B 331 33.78 -15.64 9.23
CA ASN B 331 34.87 -16.62 9.35
C ASN B 331 36.10 -16.03 10.03
N PHE B 332 35.91 -15.00 10.86
CA PHE B 332 36.96 -14.52 11.76
C PHE B 332 36.72 -15.24 13.08
N ARG B 333 37.40 -16.37 13.28
CA ARG B 333 37.10 -17.20 14.44
C ARG B 333 38.37 -17.57 15.21
N ASN B 334 39.26 -16.60 15.42
CA ASN B 334 40.48 -16.86 16.17
C ASN B 334 40.86 -15.69 17.07
N SER B 337 40.64 -12.63 16.53
CA SER B 337 40.44 -11.39 15.80
C SER B 337 39.54 -10.45 16.59
N LEU B 338 39.89 -9.17 16.60
CA LEU B 338 39.11 -8.14 17.27
C LEU B 338 38.21 -7.42 16.27
N ASP B 339 37.27 -6.63 16.80
CA ASP B 339 36.26 -5.96 15.97
C ASP B 339 36.85 -5.06 14.89
N VAL B 340 38.09 -4.59 15.04
CA VAL B 340 38.62 -3.60 14.10
C VAL B 340 38.76 -4.15 12.69
N LEU B 341 38.79 -5.48 12.53
CA LEU B 341 38.80 -6.04 11.17
C LEU B 341 37.60 -5.56 10.35
N LEU B 342 36.48 -5.22 11.01
CA LEU B 342 35.34 -4.68 10.30
C LEU B 342 35.61 -3.29 9.69
N ASN B 343 36.75 -2.68 9.99
CA ASN B 343 37.14 -1.43 9.36
C ASN B 343 37.84 -1.63 8.02
N ARG B 344 38.36 -2.84 7.76
CA ARG B 344 39.06 -3.13 6.51
C ARG B 344 38.06 -3.45 5.39
N LYS B 349 36.19 -10.64 -5.28
CA LYS B 349 37.40 -11.36 -5.68
C LYS B 349 37.14 -12.38 -6.80
N SER B 350 35.88 -12.55 -7.21
CA SER B 350 35.57 -13.43 -8.33
C SER B 350 34.49 -12.79 -9.19
N SER B 351 34.15 -13.48 -10.29
CA SER B 351 33.00 -13.15 -11.12
C SER B 351 31.82 -14.02 -10.71
N PHE B 352 30.61 -13.51 -10.93
CA PHE B 352 29.46 -14.32 -10.58
C PHE B 352 28.23 -13.87 -11.35
N LYS B 353 27.24 -14.77 -11.43
CA LYS B 353 25.89 -14.44 -11.83
C LYS B 353 24.96 -14.93 -10.73
N ALA B 354 24.01 -14.07 -10.32
CA ALA B 354 23.04 -14.43 -9.29
C ALA B 354 21.62 -14.13 -9.79
N LYS B 355 20.69 -14.96 -9.33
CA LYS B 355 19.24 -14.80 -9.55
C LYS B 355 18.53 -15.19 -8.24
N SER B 356 17.22 -14.95 -8.15
CA SER B 356 16.54 -15.17 -6.88
C SER B 356 15.03 -15.17 -7.10
N ASP B 357 14.31 -15.64 -6.08
CA ASP B 357 12.87 -15.85 -6.12
C ASP B 357 12.33 -15.78 -4.70
N PHE B 358 11.04 -15.45 -4.58
CA PHE B 358 10.32 -15.57 -3.33
C PHE B 358 9.41 -16.77 -3.40
N VAL B 359 9.30 -17.50 -2.29
CA VAL B 359 8.46 -18.70 -2.20
C VAL B 359 7.28 -18.43 -1.27
N LYS B 360 6.06 -18.73 -1.75
CA LYS B 360 4.83 -18.51 -0.99
C LYS B 360 4.17 -19.80 -0.52
N LYS B 361 4.63 -20.95 -0.98
CA LYS B 361 4.04 -22.25 -0.66
C LYS B 361 5.22 -23.21 -0.62
N PRO B 362 5.28 -24.12 0.34
CA PRO B 362 6.44 -25.03 0.41
C PRO B 362 6.60 -25.81 -0.88
N ILE B 363 7.86 -26.00 -1.28
CA ILE B 363 8.20 -26.76 -2.47
C ILE B 363 8.27 -28.25 -2.13
N SER B 364 7.51 -29.06 -2.87
CA SER B 364 7.47 -30.51 -2.68
C SER B 364 8.87 -31.11 -2.63
N ASP B 365 9.02 -32.11 -1.77
CA ASP B 365 10.31 -32.77 -1.58
C ASP B 365 10.92 -33.20 -2.91
N ASP B 366 10.10 -33.78 -3.81
CA ASP B 366 10.66 -34.32 -5.05
C ASP B 366 11.12 -33.22 -5.98
N ILE B 367 10.42 -32.08 -5.98
CA ILE B 367 10.87 -30.94 -6.79
C ILE B 367 12.13 -30.32 -6.18
N PHE B 368 12.21 -30.27 -4.85
CA PHE B 368 13.40 -29.73 -4.20
C PHE B 368 14.62 -30.56 -4.53
N GLU B 369 14.50 -31.90 -4.41
CA GLU B 369 15.58 -32.81 -4.80
C GLU B 369 15.99 -32.62 -6.26
N GLU B 370 15.03 -32.47 -7.16
CA GLU B 370 15.40 -32.23 -8.56
C GLU B 370 16.16 -30.91 -8.74
N MET B 371 15.73 -29.85 -8.05
CA MET B 371 16.45 -28.57 -8.12
C MET B 371 17.88 -28.74 -7.60
N LEU B 372 18.04 -29.40 -6.45
CA LEU B 372 19.37 -29.69 -5.93
C LEU B 372 20.17 -30.49 -6.94
N GLY B 373 19.49 -31.38 -7.69
CA GLY B 373 20.17 -32.20 -8.69
C GLY B 373 20.93 -31.37 -9.70
N LYS B 374 20.39 -30.20 -10.07
CA LYS B 374 21.08 -29.34 -11.03
C LYS B 374 22.47 -28.93 -10.54
N LEU B 375 22.68 -28.88 -9.22
CA LEU B 375 23.98 -28.50 -8.67
C LEU B 375 25.09 -29.48 -9.04
N TYR B 376 24.76 -30.70 -9.48
CA TYR B 376 25.81 -31.67 -9.78
C TYR B 376 26.68 -31.25 -10.95
N GLU B 377 26.18 -30.37 -11.81
CA GLU B 377 26.94 -29.87 -12.95
C GLU B 377 27.93 -28.77 -12.59
N LYS B 378 27.87 -28.22 -11.36
CA LYS B 378 28.72 -27.09 -10.94
C LYS B 378 29.23 -27.38 -9.53
N VAL B 379 30.19 -28.28 -9.43
CA VAL B 379 30.67 -28.74 -8.12
C VAL B 379 31.57 -27.68 -7.51
N GLY B 380 31.18 -27.17 -6.34
CA GLY B 380 31.99 -26.25 -5.59
C GLY B 380 31.96 -24.81 -6.07
N ASN B 381 31.23 -24.50 -7.15
CA ASN B 381 31.16 -23.10 -7.55
C ASN B 381 29.72 -22.66 -7.82
N ALA B 382 28.72 -23.43 -7.37
CA ALA B 382 27.33 -23.01 -7.43
C ALA B 382 26.67 -23.24 -6.09
N PHE B 383 25.79 -22.32 -5.70
CA PHE B 383 25.24 -22.28 -4.37
C PHE B 383 23.80 -21.86 -4.46
N ILE B 384 22.96 -22.49 -3.64
CA ILE B 384 21.56 -22.12 -3.47
C ILE B 384 21.38 -21.78 -1.99
N ASP B 385 21.05 -20.52 -1.70
CA ASP B 385 20.83 -20.07 -0.32
C ASP B 385 19.35 -19.80 -0.04
N LEU B 386 18.96 -19.99 1.21
CA LEU B 386 17.57 -19.83 1.66
C LEU B 386 17.53 -18.90 2.85
N PHE B 387 16.65 -17.90 2.78
CA PHE B 387 16.60 -16.84 3.78
C PHE B 387 15.18 -16.75 4.30
N PRO B 388 14.93 -16.94 5.60
CA PRO B 388 13.56 -17.00 6.10
C PRO B 388 12.95 -15.61 6.22
N LEU B 389 11.64 -15.54 5.98
CA LEU B 389 10.93 -14.27 6.17
C LEU B 389 10.01 -14.36 7.38
N GLY B 390 8.82 -13.78 7.29
CA GLY B 390 7.90 -13.84 8.44
C GLY B 390 8.35 -12.95 9.61
N GLY B 391 7.80 -13.26 10.79
CA GLY B 391 7.99 -12.41 11.95
C GLY B 391 7.52 -10.99 11.69
N LYS B 392 8.36 -10.02 12.07
CA LYS B 392 8.05 -8.61 11.85
C LYS B 392 7.78 -8.29 10.38
N MET B 393 8.39 -9.04 9.45
CA MET B 393 8.08 -8.81 8.05
C MET B 393 6.61 -9.00 7.72
N ASN B 394 5.89 -9.87 8.47
CA ASN B 394 4.46 -10.01 8.20
C ASN B 394 3.63 -8.86 8.75
N GLU B 395 4.17 -8.06 9.66
CA GLU B 395 3.43 -7.01 10.32
C GLU B 395 3.67 -5.63 9.72
N ILE B 396 4.51 -5.54 8.71
CA ILE B 396 4.73 -4.27 8.02
C ILE B 396 3.91 -4.29 6.73
N SER B 397 3.25 -3.17 6.47
CA SER B 397 2.44 -3.06 5.27
C SER B 397 3.31 -3.13 4.02
N GLU B 398 2.72 -3.71 2.98
CA GLU B 398 3.39 -3.86 1.69
C GLU B 398 3.64 -2.52 0.99
N SER B 399 3.03 -1.43 1.43
CA SER B 399 3.31 -0.12 0.86
C SER B 399 4.04 0.82 1.82
N ALA B 400 4.48 0.31 2.98
CA ALA B 400 5.26 1.15 3.91
C ALA B 400 6.54 1.66 3.26
N THR B 401 7.22 0.82 2.48
CA THR B 401 8.35 1.17 1.65
C THR B 401 8.06 0.61 0.26
N PRO B 402 8.89 0.91 -0.74
CA PRO B 402 8.69 0.29 -2.07
C PRO B 402 8.85 -1.23 -2.07
N PHE B 403 9.52 -1.80 -1.08
CA PHE B 403 9.65 -3.25 -1.00
C PHE B 403 8.31 -3.85 -0.59
N PRO B 404 7.71 -4.71 -1.40
CA PRO B 404 6.32 -5.11 -1.15
C PRO B 404 6.12 -6.54 -0.67
N TYR B 405 7.17 -7.34 -0.53
CA TYR B 405 6.97 -8.78 -0.37
C TYR B 405 6.98 -9.13 1.11
N ARG B 406 5.84 -8.88 1.75
CA ARG B 406 5.71 -9.03 3.19
C ARG B 406 4.88 -10.26 3.49
N ALA B 407 3.73 -10.09 4.16
CA ALA B 407 2.89 -11.22 4.54
C ALA B 407 2.55 -12.07 3.31
N GLY B 408 2.60 -13.40 3.49
CA GLY B 408 2.37 -14.33 2.42
C GLY B 408 3.63 -14.92 1.81
N ASN B 409 4.78 -14.29 2.04
CA ASN B 409 6.05 -14.77 1.52
C ASN B 409 6.75 -15.57 2.61
N LEU B 410 7.05 -16.85 2.32
CA LEU B 410 7.67 -17.71 3.31
C LEU B 410 9.19 -17.49 3.38
N TYR B 411 9.86 -17.44 2.24
CA TYR B 411 11.30 -17.31 2.26
C TYR B 411 11.76 -16.82 0.91
N ASN B 412 13.02 -16.38 0.88
CA ASN B 412 13.66 -15.98 -0.35
C ASN B 412 14.70 -17.03 -0.75
N ILE B 413 14.75 -17.40 -2.03
CA ILE B 413 15.73 -18.36 -2.49
C ILE B 413 16.69 -17.65 -3.43
N HIS B 414 17.98 -17.86 -3.23
CA HIS B 414 19.02 -17.11 -3.92
C HIS B 414 19.93 -18.11 -4.60
N TYR B 415 20.11 -17.96 -5.92
CA TYR B 415 20.96 -18.83 -6.74
C TYR B 415 22.19 -18.07 -7.21
N LEU B 416 23.35 -18.69 -7.08
CA LEU B 416 24.59 -18.08 -7.51
C LEU B 416 25.49 -19.11 -8.18
N VAL B 417 26.19 -18.68 -9.23
CA VAL B 417 27.30 -19.43 -9.81
C VAL B 417 28.48 -18.46 -9.96
N GLY B 418 29.68 -18.93 -9.60
CA GLY B 418 30.84 -18.07 -9.56
C GLY B 418 31.99 -18.71 -10.33
N TRP B 419 32.93 -17.86 -10.76
CA TRP B 419 34.08 -18.36 -11.51
C TRP B 419 35.21 -17.36 -11.42
N GLU B 420 36.42 -17.85 -11.68
CA GLU B 420 37.58 -16.98 -11.73
C GLU B 420 37.51 -16.13 -12.98
N GLU B 421 37.72 -14.83 -12.83
CA GLU B 421 37.69 -13.94 -13.98
C GLU B 421 38.98 -14.09 -14.78
N ASP B 422 38.87 -14.51 -16.04
CA ASP B 422 40.03 -14.60 -16.92
C ASP B 422 39.73 -14.11 -18.33
N GLY B 423 38.75 -13.21 -18.49
CA GLY B 423 38.41 -12.64 -19.77
C GLY B 423 37.85 -13.61 -20.78
N ASN B 424 37.38 -14.78 -20.35
CA ASN B 424 36.88 -15.83 -21.23
C ASN B 424 35.35 -15.75 -21.29
N ILE B 425 34.82 -15.12 -22.34
CA ILE B 425 33.38 -15.03 -22.46
C ILE B 425 32.74 -16.40 -22.69
N THR B 426 33.50 -17.41 -23.15
CA THR B 426 32.88 -18.71 -23.38
C THR B 426 32.55 -19.41 -22.06
N THR B 427 33.45 -19.35 -21.08
CA THR B 427 33.11 -19.93 -19.79
C THR B 427 32.03 -19.13 -19.09
N SER B 428 32.13 -17.81 -19.16
CA SER B 428 31.08 -16.96 -18.60
C SER B 428 29.72 -17.33 -19.19
N LYS B 429 29.66 -17.57 -20.51
CA LYS B 429 28.39 -17.89 -21.14
C LYS B 429 27.82 -19.20 -20.63
N LYS B 430 28.68 -20.21 -20.42
CA LYS B 430 28.21 -21.50 -19.91
C LYS B 430 27.62 -21.36 -18.52
N HIS B 431 28.28 -20.58 -17.65
CA HIS B 431 27.78 -20.44 -16.27
C HIS B 431 26.43 -19.74 -16.24
N VAL B 432 26.28 -18.68 -17.02
CA VAL B 432 25.01 -17.92 -17.06
C VAL B 432 23.91 -18.77 -17.69
N ASN B 433 24.24 -19.54 -18.72
CA ASN B 433 23.27 -20.47 -19.29
C ASN B 433 22.80 -21.50 -18.27
N TRP B 434 23.72 -22.00 -17.44
CA TRP B 434 23.33 -22.97 -16.43
C TRP B 434 22.41 -22.35 -15.38
N ILE B 435 22.71 -21.13 -14.95
CA ILE B 435 21.85 -20.57 -13.92
C ILE B 435 20.53 -20.12 -14.51
N ARG B 436 20.50 -19.78 -15.80
CA ARG B 436 19.23 -19.39 -16.40
C ARG B 436 18.30 -20.60 -16.54
N LYS B 437 18.86 -21.77 -16.81
CA LYS B 437 18.05 -22.98 -16.91
C LYS B 437 17.51 -23.38 -15.55
N LEU B 438 18.32 -23.19 -14.50
CA LEU B 438 17.82 -23.44 -13.15
C LEU B 438 16.65 -22.52 -12.83
N TYR B 439 16.79 -21.24 -13.16
CA TYR B 439 15.73 -20.29 -12.88
C TYR B 439 14.46 -20.65 -13.64
N ASN B 440 14.60 -21.06 -14.91
CA ASN B 440 13.44 -21.44 -15.71
C ASN B 440 12.76 -22.68 -15.13
N TYR B 441 13.55 -23.64 -14.66
CA TYR B 441 13.00 -24.82 -14.02
C TYR B 441 12.16 -24.46 -12.80
N MET B 442 12.57 -23.42 -12.06
CA MET B 442 11.89 -23.03 -10.82
C MET B 442 10.56 -22.31 -11.05
N THR B 443 10.32 -21.79 -12.25
CA THR B 443 9.17 -20.92 -12.54
C THR B 443 7.83 -21.38 -11.95
N PRO B 444 7.41 -22.65 -12.08
CA PRO B 444 6.10 -23.04 -11.54
C PRO B 444 6.01 -23.04 -10.03
N TYR B 445 7.14 -23.03 -9.31
CA TYR B 445 7.12 -23.27 -7.86
C TYR B 445 7.41 -22.02 -7.06
N VAL B 446 7.50 -20.88 -7.72
CA VAL B 446 7.88 -19.63 -7.08
C VAL B 446 6.78 -18.63 -7.41
N SER B 447 6.85 -17.46 -6.79
CA SER B 447 5.76 -16.51 -6.95
C SER B 447 5.61 -16.11 -8.42
N LYS B 448 4.39 -15.76 -8.80
CA LYS B 448 3.98 -15.50 -10.18
C LYS B 448 3.16 -14.24 -10.21
N ASN B 449 3.24 -13.52 -11.33
CA ASN B 449 2.35 -12.39 -11.57
C ASN B 449 2.30 -11.43 -10.40
N PRO B 450 3.39 -10.72 -10.12
CA PRO B 450 4.67 -10.81 -10.83
C PRO B 450 5.60 -11.85 -10.24
N ARG B 451 6.66 -12.21 -10.97
CA ARG B 451 7.68 -13.09 -10.42
C ARG B 451 8.53 -12.28 -9.47
N ALA B 452 8.24 -12.40 -8.17
CA ALA B 452 8.77 -11.48 -7.17
C ALA B 452 10.29 -11.52 -7.17
N THR B 453 10.91 -10.33 -7.15
CA THR B 453 12.37 -10.22 -7.20
C THR B 453 12.85 -9.14 -6.22
N TYR B 454 13.89 -9.46 -5.47
CA TYR B 454 14.46 -8.51 -4.51
C TYR B 454 15.45 -7.57 -5.21
N LEU B 455 15.22 -6.26 -5.06
CA LEU B 455 16.01 -5.25 -5.78
C LEU B 455 17.50 -5.34 -5.46
N ASN B 456 17.87 -5.59 -4.19
CA ASN B 456 19.29 -5.71 -3.84
C ASN B 456 19.95 -6.93 -4.49
N PHE B 457 19.19 -7.88 -5.00
CA PHE B 457 19.74 -8.95 -5.84
C PHE B 457 19.50 -8.60 -7.30
N ARG B 458 20.13 -7.52 -7.76
CA ARG B 458 19.75 -6.99 -9.07
C ARG B 458 20.01 -8.00 -10.17
N ASP B 459 19.08 -8.06 -11.12
CA ASP B 459 19.14 -9.02 -12.23
C ASP B 459 18.59 -8.33 -13.48
N LEU B 460 19.47 -8.03 -14.44
CA LEU B 460 19.01 -7.41 -15.68
C LEU B 460 18.22 -8.37 -16.56
N ASP B 461 18.36 -9.69 -16.35
CA ASP B 461 17.58 -10.66 -17.11
C ASP B 461 16.07 -10.49 -16.97
N ILE B 462 15.58 -9.89 -15.88
CA ILE B 462 14.14 -9.76 -15.73
C ILE B 462 13.57 -8.63 -16.57
N GLY B 463 14.42 -7.88 -17.28
CA GLY B 463 13.99 -6.82 -18.18
C GLY B 463 14.76 -5.52 -17.95
N THR B 464 14.93 -4.75 -19.03
CA THR B 464 15.61 -3.45 -18.94
C THR B 464 14.76 -2.40 -19.65
N ASN B 465 15.25 -1.15 -19.62
CA ASN B 465 14.53 -0.02 -20.22
C ASN B 465 14.79 0.05 -21.72
N ASN B 466 13.99 0.89 -22.40
CA ASN B 466 14.30 1.29 -23.76
C ASN B 466 15.58 2.11 -23.78
N LYS B 467 16.43 1.86 -24.77
CA LYS B 467 17.70 2.57 -24.90
C LYS B 467 17.74 3.34 -26.23
N ASP B 469 14.69 3.66 -28.63
CA ASP B 469 13.65 4.70 -28.75
C ASP B 469 12.97 4.99 -27.41
N THR B 470 13.25 6.16 -26.83
CA THR B 470 12.62 6.59 -25.58
C THR B 470 11.69 7.80 -25.79
N THR B 471 11.19 7.98 -27.01
CA THR B 471 10.35 9.15 -27.29
C THR B 471 9.00 9.06 -26.59
N SER B 472 8.39 7.86 -26.56
CA SER B 472 7.06 7.69 -25.97
C SER B 472 7.21 7.36 -24.48
N SER B 473 6.87 8.30 -23.60
CA SER B 473 6.98 8.01 -22.17
C SER B 473 5.94 6.98 -21.74
N TYR B 474 4.79 6.96 -22.40
CA TYR B 474 3.85 5.85 -22.26
C TYR B 474 4.53 4.51 -22.53
N ASN B 475 5.23 4.40 -23.66
CA ASN B 475 5.92 3.14 -23.96
C ASN B 475 7.06 2.88 -23.00
N ASN B 476 7.69 3.93 -22.48
CA ASN B 476 8.75 3.72 -21.50
C ASN B 476 8.19 3.13 -20.23
N ILE B 477 7.05 3.66 -19.77
CA ILE B 477 6.44 3.16 -18.54
C ILE B 477 5.99 1.72 -18.71
N ALA B 478 5.35 1.40 -19.83
CA ALA B 478 4.91 0.03 -20.07
C ALA B 478 6.09 -0.94 -20.09
N ARG B 479 7.18 -0.58 -20.76
CA ARG B 479 8.34 -1.47 -20.80
C ARG B 479 8.99 -1.60 -19.43
N ALA B 480 9.12 -0.49 -18.71
CA ALA B 480 9.73 -0.50 -17.39
C ALA B 480 8.90 -1.29 -16.37
N SER B 481 7.57 -1.35 -16.58
CA SER B 481 6.73 -2.05 -15.62
C SER B 481 7.01 -3.54 -15.60
N ILE B 482 7.61 -4.08 -16.67
CA ILE B 482 7.94 -5.50 -16.70
C ILE B 482 8.94 -5.84 -15.58
N TRP B 483 10.07 -5.12 -15.52
CA TRP B 483 10.96 -5.32 -14.39
C TRP B 483 10.46 -4.58 -13.15
N GLY B 484 9.74 -3.47 -13.35
CA GLY B 484 9.34 -2.66 -12.20
C GLY B 484 8.38 -3.37 -11.27
N THR B 485 7.37 -4.03 -11.83
CA THR B 485 6.45 -4.76 -10.95
C THR B 485 7.10 -6.00 -10.34
N LYS B 486 8.14 -6.55 -10.96
CA LYS B 486 8.85 -7.66 -10.31
C LYS B 486 9.55 -7.21 -9.01
N TYR B 487 10.16 -6.01 -9.01
CA TYR B 487 10.83 -5.52 -7.79
C TYR B 487 9.85 -4.92 -6.78
N PHE B 488 8.82 -4.24 -7.26
CA PHE B 488 8.01 -3.38 -6.39
C PHE B 488 6.51 -3.69 -6.43
N LYS B 489 6.08 -4.63 -7.27
CA LYS B 489 4.67 -4.98 -7.41
C LYS B 489 3.91 -3.68 -7.67
N ASP B 490 2.79 -3.43 -6.98
CA ASP B 490 1.99 -2.23 -7.18
C ASP B 490 2.66 -0.95 -6.71
N ASN B 491 3.75 -1.04 -5.94
CA ASN B 491 4.46 0.19 -5.60
C ASN B 491 5.07 0.87 -6.83
N PHE B 492 5.15 0.17 -7.97
CA PHE B 492 5.77 0.75 -9.16
C PHE B 492 5.08 2.05 -9.60
N TYR B 493 3.75 2.12 -9.45
CA TYR B 493 3.06 3.28 -9.99
C TYR B 493 3.29 4.51 -9.13
N LYS B 494 3.34 4.33 -7.81
CA LYS B 494 3.70 5.46 -6.98
C LYS B 494 5.11 5.95 -7.31
N LEU B 495 6.01 5.02 -7.67
CA LEU B 495 7.40 5.42 -7.96
C LEU B 495 7.49 6.20 -9.26
N VAL B 496 6.70 5.82 -10.26
CA VAL B 496 6.63 6.58 -11.49
C VAL B 496 6.13 7.99 -11.20
N TYR B 497 5.11 8.11 -10.35
CA TYR B 497 4.63 9.42 -9.94
C TYR B 497 5.76 10.25 -9.32
N VAL B 498 6.51 9.65 -8.39
CA VAL B 498 7.59 10.39 -7.73
C VAL B 498 8.65 10.80 -8.73
N LYS B 499 9.03 9.89 -9.63
CA LYS B 499 9.99 10.21 -10.67
C LYS B 499 9.52 11.41 -11.50
N THR B 500 8.22 11.44 -11.84
CA THR B 500 7.65 12.51 -12.66
C THR B 500 7.79 13.88 -11.97
N ILE B 501 7.69 13.91 -10.64
CA ILE B 501 7.76 15.18 -9.91
C ILE B 501 9.20 15.60 -9.63
N VAL B 502 10.09 14.67 -9.28
CA VAL B 502 11.43 15.08 -8.85
C VAL B 502 12.46 15.04 -9.97
N ASP B 503 12.19 14.29 -11.05
CA ASP B 503 13.16 14.25 -12.15
C ASP B 503 12.47 14.08 -13.50
N PRO B 504 11.66 15.07 -13.91
CA PRO B 504 10.86 14.91 -15.15
C PRO B 504 11.68 14.86 -16.42
N THR B 505 12.87 15.50 -16.47
CA THR B 505 13.70 15.36 -17.65
C THR B 505 14.52 14.08 -17.64
N ASN B 506 14.41 13.27 -16.58
CA ASN B 506 15.04 11.95 -16.54
C ASN B 506 16.55 12.07 -16.69
N PHE B 507 17.14 12.97 -15.92
CA PHE B 507 18.59 13.06 -15.87
C PHE B 507 19.20 11.84 -15.19
N PHE B 508 18.58 11.36 -14.11
CA PHE B 508 19.11 10.24 -13.32
C PHE B 508 18.53 8.95 -13.88
N ARG B 509 19.31 8.23 -14.67
CA ARG B 509 18.82 7.03 -15.35
C ARG B 509 19.91 5.98 -15.41
N ASN B 510 19.47 4.72 -15.59
CA ASN B 510 20.33 3.58 -15.83
C ASN B 510 19.49 2.51 -16.50
N GLU B 511 20.00 1.29 -16.55
CA GLU B 511 19.33 0.21 -17.29
C GLU B 511 18.00 -0.18 -16.66
N GLN B 512 17.87 0.02 -15.35
CA GLN B 512 16.64 -0.32 -14.61
C GLN B 512 16.18 0.85 -13.77
N SER B 513 16.06 2.03 -14.38
CA SER B 513 15.64 3.22 -13.67
C SER B 513 14.16 3.50 -13.92
N ILE B 514 13.48 4.00 -12.91
CA ILE B 514 12.09 4.43 -13.04
C ILE B 514 11.98 5.54 -14.09
N PRO B 515 11.18 5.38 -15.14
CA PRO B 515 11.02 6.47 -16.12
C PRO B 515 9.97 7.45 -15.67
N PRO B 516 10.04 8.71 -16.12
CA PRO B 516 8.98 9.66 -15.81
C PRO B 516 7.88 9.62 -16.86
N LEU B 517 6.70 10.04 -16.42
CA LEU B 517 5.64 10.38 -17.36
C LEU B 517 5.87 11.80 -17.90
N ARG B 518 5.72 11.98 -19.20
CA ARG B 518 5.94 13.30 -19.79
C ARG B 518 4.74 13.70 -20.65
N ARG B 519 4.66 15.00 -20.91
CA ARG B 519 3.71 15.56 -21.86
C ARG B 519 4.07 15.15 -23.30
PA FAD C . -26.04 5.41 -6.16
O1A FAD C . -26.25 6.89 -6.27
O2A FAD C . -26.93 4.52 -6.97
O5B FAD C . -24.55 4.97 -6.57
C5B FAD C . -23.39 5.68 -6.04
C4B FAD C . -22.28 5.73 -7.06
O4B FAD C . -21.86 4.39 -7.40
C3B FAD C . -22.64 6.40 -8.38
O3B FAD C . -21.51 7.06 -8.96
C2B FAD C . -23.13 5.22 -9.22
O2B FAD C . -22.98 5.47 -10.61
C1B FAD C . -22.17 4.11 -8.75
N9A FAD C . -22.77 2.78 -8.81
C8A FAD C . -23.81 2.30 -8.06
N7A FAD C . -24.13 1.05 -8.33
C5A FAD C . -23.22 0.69 -9.32
C6A FAD C . -23.03 -0.50 -10.04
N6A FAD C . -23.76 -1.61 -9.87
N1A FAD C . -22.03 -0.52 -10.96
C2A FAD C . -21.30 0.58 -11.14
N3A FAD C . -21.39 1.76 -10.51
C4A FAD C . -22.38 1.75 -9.61
N1 FAD C . -22.25 5.15 3.71
C2 FAD C . -21.59 4.41 4.65
O2 FAD C . -20.41 4.03 4.46
N3 FAD C . -22.23 4.08 5.84
C4 FAD C . -23.53 4.43 6.19
O4 FAD C . -24.00 4.08 7.27
C4X FAD C . -24.20 5.22 5.19
N5 FAD C . -25.41 5.58 5.43
C5X FAD C . -26.09 6.32 4.47
C6 FAD C . -27.39 6.71 4.72
C7 FAD C . -28.12 7.45 3.79
C7M FAD C . -29.53 7.85 4.13
C8 FAD C . -27.52 7.80 2.57
C8M FAD C . -28.29 8.57 1.51
C9 FAD C . -26.21 7.41 2.31
C9A FAD C . -25.49 6.68 3.25
N10 FAD C . -24.16 6.27 3.02
C10 FAD C . -23.48 5.53 3.98
C1' FAD C . -23.47 6.63 1.78
C2' FAD C . -23.45 5.52 0.76
O2' FAD C . -22.53 4.50 1.14
C3' FAD C . -22.97 6.09 -0.58
O3' FAD C . -23.69 7.29 -0.83
C4' FAD C . -23.19 5.12 -1.73
O4' FAD C . -22.30 5.45 -2.81
C5' FAD C . -24.63 5.10 -2.19
O5' FAD C . -24.87 3.88 -2.93
P FAD C . -26.16 3.71 -3.79
O1P FAD C . -26.10 2.53 -4.66
O2P FAD C . -27.35 3.85 -2.86
O3P FAD C . -26.13 5.02 -4.63
PA FAD D . 26.71 -0.02 -5.11
O1A FAD D . 27.03 -0.76 -6.36
O2A FAD D . 27.77 1.02 -4.71
O5B FAD D . 25.26 0.66 -5.17
C5B FAD D . 24.08 -0.10 -5.52
C4B FAD D . 23.12 0.74 -6.35
O4B FAD D . 22.60 1.84 -5.56
C3B FAD D . 23.69 1.37 -7.61
O3B FAD D . 22.68 1.54 -8.59
C2B FAD D . 24.16 2.74 -7.10
O2B FAD D . 24.22 3.70 -8.14
C1B FAD D . 23.07 3.08 -6.08
N9A FAD D . 23.57 3.90 -4.96
C8A FAD D . 24.59 3.57 -4.09
N7A FAD D . 24.85 4.50 -3.20
C5A FAD D . 23.96 5.52 -3.52
C6A FAD D . 23.73 6.79 -2.97
N6A FAD D . 24.39 7.26 -1.91
N1A FAD D . 22.77 7.57 -3.52
C2A FAD D . 22.11 7.09 -4.58
N3A FAD D . 22.23 5.92 -5.19
C4A FAD D . 23.19 5.17 -4.62
N1 FAD D . 21.91 -7.60 0.59
C2 FAD D . 21.11 -7.85 1.67
O2 FAD D . 19.94 -7.44 1.73
N3 FAD D . 21.63 -8.58 2.74
C4 FAD D . 22.90 -9.12 2.83
O4 FAD D . 23.24 -9.77 3.82
C4X FAD D . 23.73 -8.83 1.67
N5 FAD D . 24.95 -9.28 1.68
C5X FAD D . 25.76 -9.00 0.60
C6 FAD D . 27.05 -9.47 0.61
C7 FAD D . 27.93 -9.21 -0.44
C7M FAD D . 29.33 -9.77 -0.37
C8 FAD D . 27.48 -8.47 -1.55
C8M FAD D . 28.42 -8.13 -2.69
C9 FAD D . 26.17 -8.00 -1.56
C9A FAD D . 25.31 -8.27 -0.51
N10 FAD D . 23.97 -7.82 -0.49
C10 FAD D . 23.15 -8.08 0.60
C1' FAD D . 23.44 -7.03 -1.60
C2' FAD D . 23.64 -5.53 -1.40
O2' FAD D . 22.78 -5.06 -0.38
C3' FAD D . 23.26 -4.82 -2.69
O3' FAD D . 24.13 -5.34 -3.70
C4' FAD D . 23.45 -3.31 -2.54
O4' FAD D . 22.59 -2.61 -3.45
C5' FAD D . 24.91 -2.93 -2.69
O5' FAD D . 25.14 -1.63 -2.08
P FAD D . 26.49 -0.86 -2.34
O1P FAD D . 26.46 0.57 -1.99
O2P FAD D . 27.62 -1.75 -1.78
O3P FAD D . 26.57 -1.05 -3.91
#